data_1LT3
#
_entry.id   1LT3
#
_cell.length_a   119.700
_cell.length_b   101.100
_cell.length_c   64.200
_cell.angle_alpha   90.00
_cell.angle_beta   90.00
_cell.angle_gamma   90.00
#
_symmetry.space_group_name_H-M   'P 21 21 21'
#
loop_
_entity.id
_entity.type
_entity.pdbx_description
1 polymer 'HEAT-LABILE ENTEROTOXIN'
2 polymer 'HEAT-LABILE ENTEROTOXIN'
3 branched beta-D-galactopyranose-(1-4)-beta-D-glucopyranose
#
loop_
_entity_poly.entity_id
_entity_poly.type
_entity_poly.pdbx_seq_one_letter_code
_entity_poly.pdbx_strand_id
1 'polypeptide(L)'
;APQTITELCSEYRNTQIYTINDKILSYTESMAGKREMVIITFKSGETFQVEVPGSQHIDSQKKAIERMKDTLRITYLTET
KIDKLCVWNNKTPNSIAAISMKN
;
D,E,F,G,H
2 'polypeptide(L)'
;NGDRLYRADSRPPDEIKRSGGLMPRGHNEYFDRGTQMNICLYDHARGTQTGFVRYDDGYVSTSLSLRSAHLAGQSILSGY
STYYIYVIATAPNMFNVNDVLGVYSPHPYEQEVSALGGIPYSQIYGWYRVNFGVIDERLHRNREYRDRYYRNLNIAPAED
GYRLACFPPDHQAWREEPWIHHAPQGCGNSSRTITGDTCNEETQNLSTIYLREYQSKVKRQIFSDYQSEVDIYNRIRDEL
;
A
#
# COMPACT_ATOMS: atom_id res chain seq x y z
N ALA A 1 -17.10 24.65 -8.02
CA ALA A 1 -17.55 23.34 -7.46
C ALA A 1 -17.53 23.38 -5.93
N PRO A 2 -18.26 22.45 -5.26
CA PRO A 2 -18.28 22.42 -3.79
C PRO A 2 -16.89 22.31 -3.21
N GLN A 3 -16.72 22.76 -1.99
CA GLN A 3 -15.40 22.71 -1.36
C GLN A 3 -15.33 21.76 -0.18
N THR A 4 -16.48 21.23 0.25
CA THR A 4 -16.49 20.33 1.37
C THR A 4 -17.52 19.25 1.04
N ILE A 5 -17.54 18.19 1.85
CA ILE A 5 -18.51 17.10 1.67
C ILE A 5 -19.92 17.56 2.09
N THR A 6 -20.00 18.41 3.12
CA THR A 6 -21.29 18.92 3.58
C THR A 6 -21.91 19.78 2.49
N GLU A 7 -21.10 20.61 1.88
CA GLU A 7 -21.59 21.48 0.83
C GLU A 7 -22.04 20.72 -0.40
N LEU A 8 -21.29 19.68 -0.76
CA LEU A 8 -21.62 18.86 -1.91
C LEU A 8 -22.87 18.04 -1.62
N CYS A 9 -22.98 17.56 -0.40
CA CYS A 9 -24.12 16.75 -0.01
C CYS A 9 -25.45 17.51 -0.13
N SER A 10 -25.42 18.78 0.28
CA SER A 10 -26.59 19.65 0.25
C SER A 10 -27.22 19.92 -1.10
N GLU A 11 -26.52 19.67 -2.20
CA GLU A 11 -27.14 19.95 -3.48
C GLU A 11 -27.97 18.81 -4.06
N TYR A 12 -28.19 17.76 -3.28
CA TYR A 12 -28.98 16.62 -3.71
C TYR A 12 -30.16 16.45 -2.78
N ARG A 13 -31.23 15.87 -3.31
CA ARG A 13 -32.41 15.63 -2.50
C ARG A 13 -32.29 14.22 -1.90
N ASN A 14 -32.85 14.04 -0.71
CA ASN A 14 -32.84 12.76 -0.02
C ASN A 14 -31.49 12.38 0.55
N THR A 15 -30.62 13.36 0.78
CA THR A 15 -29.30 13.05 1.34
C THR A 15 -29.18 13.51 2.76
N GLN A 16 -28.15 13.04 3.43
CA GLN A 16 -27.93 13.40 4.82
C GLN A 16 -26.46 13.09 5.12
N ILE A 17 -25.91 13.80 6.10
CA ILE A 17 -24.53 13.62 6.52
C ILE A 17 -24.43 12.87 7.84
N TYR A 18 -23.54 11.88 7.88
CA TYR A 18 -23.27 11.14 9.09
C TYR A 18 -21.84 11.45 9.45
N THR A 19 -21.60 11.82 10.70
CA THR A 19 -20.25 12.05 11.15
C THR A 19 -19.94 10.68 11.75
N ILE A 20 -19.02 9.95 11.13
CA ILE A 20 -18.65 8.61 11.59
C ILE A 20 -17.45 8.70 12.50
N ASN A 21 -16.39 9.32 12.00
CA ASN A 21 -15.18 9.49 12.77
C ASN A 21 -14.75 8.11 13.37
N ASP A 22 -14.74 7.08 12.54
CA ASP A 22 -14.37 5.77 13.04
C ASP A 22 -14.01 4.92 11.84
N LYS A 23 -13.29 3.82 12.08
CA LYS A 23 -12.91 2.90 11.00
C LYS A 23 -14.05 1.95 10.71
N ILE A 24 -13.94 1.22 9.62
CA ILE A 24 -14.97 0.27 9.22
C ILE A 24 -14.83 -1.01 10.05
N LEU A 25 -15.94 -1.49 10.62
CA LEU A 25 -15.88 -2.72 11.40
C LEU A 25 -15.92 -3.92 10.46
N SER A 26 -16.81 -3.90 9.47
CA SER A 26 -16.91 -5.00 8.55
C SER A 26 -17.12 -4.57 7.12
N TYR A 27 -16.64 -5.41 6.21
CA TYR A 27 -16.70 -5.20 4.78
C TYR A 27 -17.27 -6.45 4.12
N THR A 28 -18.29 -6.28 3.27
CA THR A 28 -18.91 -7.40 2.59
C THR A 28 -18.93 -7.09 1.11
N GLU A 29 -18.45 -8.04 0.31
CA GLU A 29 -18.38 -7.85 -1.13
C GLU A 29 -19.11 -8.98 -1.81
N SER A 30 -19.94 -8.65 -2.77
CA SER A 30 -20.71 -9.66 -3.44
C SER A 30 -20.68 -9.57 -4.94
N MET A 31 -20.56 -10.73 -5.56
CA MET A 31 -20.59 -10.84 -7.01
C MET A 31 -21.84 -11.61 -7.44
N ALA A 32 -22.71 -11.92 -6.49
CA ALA A 32 -23.94 -12.66 -6.74
C ALA A 32 -24.78 -11.85 -7.73
N GLY A 33 -25.36 -12.53 -8.72
CA GLY A 33 -26.14 -11.87 -9.75
C GLY A 33 -27.20 -10.92 -9.24
N LYS A 34 -27.18 -9.68 -9.76
CA LYS A 34 -28.12 -8.62 -9.40
C LYS A 34 -27.91 -8.04 -7.97
N ARG A 35 -26.88 -8.53 -7.30
CA ARG A 35 -26.49 -8.08 -5.96
C ARG A 35 -24.96 -7.80 -5.92
N GLU A 36 -24.44 -7.22 -7.00
CA GLU A 36 -23.03 -6.88 -7.11
C GLU A 36 -22.88 -5.54 -6.38
N MET A 37 -22.56 -5.63 -5.09
CA MET A 37 -22.49 -4.45 -4.23
C MET A 37 -21.51 -4.67 -3.12
N VAL A 38 -21.30 -3.62 -2.33
CA VAL A 38 -20.42 -3.67 -1.19
C VAL A 38 -21.25 -3.14 -0.02
N ILE A 39 -21.03 -3.71 1.16
CA ILE A 39 -21.77 -3.30 2.33
C ILE A 39 -20.75 -3.09 3.42
N ILE A 40 -20.86 -1.99 4.14
CA ILE A 40 -19.95 -1.72 5.26
C ILE A 40 -20.76 -1.39 6.52
N THR A 41 -20.19 -1.74 7.66
CA THR A 41 -20.82 -1.45 8.92
C THR A 41 -19.78 -0.84 9.86
N PHE A 42 -20.25 -0.18 10.90
CA PHE A 42 -19.41 0.46 11.90
C PHE A 42 -19.81 -0.12 13.26
N LYS A 43 -18.98 0.05 14.27
CA LYS A 43 -19.31 -0.51 15.58
C LYS A 43 -20.49 0.18 16.27
N SER A 44 -20.97 1.27 15.68
CA SER A 44 -22.10 1.99 16.22
C SER A 44 -23.42 1.34 15.77
N GLY A 45 -23.33 0.45 14.78
CA GLY A 45 -24.50 -0.22 14.27
C GLY A 45 -24.89 0.17 12.85
N GLU A 46 -24.37 1.30 12.37
CA GLU A 46 -24.68 1.80 11.04
C GLU A 46 -24.22 0.82 9.98
N THR A 47 -24.99 0.72 8.91
CA THR A 47 -24.72 -0.16 7.80
C THR A 47 -25.00 0.68 6.57
N PHE A 48 -24.08 0.67 5.61
CA PHE A 48 -24.27 1.45 4.38
C PHE A 48 -23.85 0.61 3.19
N GLN A 49 -24.38 0.92 2.03
CA GLN A 49 -24.10 0.14 0.86
C GLN A 49 -23.68 1.02 -0.29
N VAL A 50 -22.99 0.41 -1.25
CA VAL A 50 -22.65 1.08 -2.52
C VAL A 50 -23.62 0.30 -3.40
N GLU A 51 -24.58 0.99 -3.99
CA GLU A 51 -25.60 0.35 -4.81
C GLU A 51 -25.13 -0.35 -6.05
N VAL A 52 -25.91 -1.37 -6.42
CA VAL A 52 -25.69 -2.14 -7.62
C VAL A 52 -25.96 -1.08 -8.70
N PRO A 53 -25.13 -1.02 -9.75
CA PRO A 53 -25.38 -0.01 -10.80
C PRO A 53 -26.74 -0.22 -11.47
N GLY A 54 -27.57 0.82 -11.51
CA GLY A 54 -28.87 0.68 -12.12
C GLY A 54 -29.25 1.90 -12.91
N SER A 55 -30.53 2.04 -13.26
CA SER A 55 -31.00 3.17 -14.04
C SER A 55 -30.96 4.53 -13.32
N GLN A 56 -30.87 4.49 -12.00
CA GLN A 56 -30.81 5.72 -11.20
C GLN A 56 -29.43 6.38 -11.32
N HIS A 57 -28.55 5.77 -12.12
CA HIS A 57 -27.20 6.27 -12.32
C HIS A 57 -26.96 6.73 -13.74
N ILE A 58 -26.35 7.89 -13.87
CA ILE A 58 -26.02 8.39 -15.19
C ILE A 58 -24.71 7.68 -15.58
N ASP A 59 -24.33 7.77 -16.85
CA ASP A 59 -23.11 7.11 -17.33
C ASP A 59 -21.85 7.47 -16.57
N SER A 60 -21.63 8.77 -16.31
CA SER A 60 -20.46 9.21 -15.60
C SER A 60 -20.32 8.62 -14.20
N GLN A 61 -21.41 8.19 -13.58
CA GLN A 61 -21.35 7.59 -12.24
C GLN A 61 -20.84 6.16 -12.22
N LYS A 62 -20.86 5.49 -13.37
CA LYS A 62 -20.40 4.09 -13.40
C LYS A 62 -18.95 3.91 -12.99
N LYS A 63 -18.05 4.70 -13.55
CA LYS A 63 -16.65 4.57 -13.18
C LYS A 63 -16.47 5.00 -11.73
N ALA A 64 -17.31 5.94 -11.28
CA ALA A 64 -17.25 6.43 -9.90
C ALA A 64 -17.71 5.38 -8.88
N ILE A 65 -18.67 4.56 -9.26
CA ILE A 65 -19.16 3.50 -8.39
C ILE A 65 -18.00 2.51 -8.14
N GLU A 66 -17.28 2.20 -9.23
CA GLU A 66 -16.16 1.28 -9.15
C GLU A 66 -15.06 1.86 -8.29
N ARG A 67 -14.80 3.16 -8.45
CA ARG A 67 -13.80 3.83 -7.64
C ARG A 67 -14.12 3.78 -6.15
N MET A 68 -15.36 4.06 -5.80
CA MET A 68 -15.83 4.04 -4.41
C MET A 68 -15.61 2.66 -3.75
N LYS A 69 -15.92 1.59 -4.47
CA LYS A 69 -15.71 0.24 -3.95
C LYS A 69 -14.22 0.00 -3.72
N ASP A 70 -13.39 0.52 -4.62
CA ASP A 70 -11.92 0.39 -4.45
C ASP A 70 -11.53 1.12 -3.18
N THR A 71 -12.06 2.33 -3.00
CA THR A 71 -11.74 3.13 -1.82
C THR A 71 -12.14 2.49 -0.49
N LEU A 72 -13.36 1.97 -0.43
CA LEU A 72 -13.85 1.35 0.80
C LEU A 72 -13.05 0.11 1.18
N ARG A 73 -12.65 -0.69 0.19
CA ARG A 73 -11.86 -1.88 0.47
C ARG A 73 -10.53 -1.51 1.09
N ILE A 74 -9.81 -0.59 0.46
CA ILE A 74 -8.51 -0.19 1.00
C ILE A 74 -8.62 0.57 2.29
N THR A 75 -9.70 1.33 2.46
CA THR A 75 -9.90 2.07 3.70
C THR A 75 -10.16 1.07 4.82
N TYR A 76 -10.90 0.00 4.51
CA TYR A 76 -11.17 -1.02 5.53
C TYR A 76 -9.89 -1.75 5.89
N LEU A 77 -9.15 -2.17 4.87
CA LEU A 77 -7.90 -2.91 5.12
C LEU A 77 -6.85 -2.12 5.86
N THR A 78 -6.77 -0.83 5.62
CA THR A 78 -5.77 -0.03 6.30
C THR A 78 -6.25 0.45 7.66
N GLU A 79 -7.53 0.20 7.96
CA GLU A 79 -8.14 0.62 9.22
C GLU A 79 -8.12 2.16 9.34
N THR A 80 -8.34 2.83 8.22
CA THR A 80 -8.33 4.28 8.14
C THR A 80 -9.66 4.85 8.63
N LYS A 81 -9.58 5.86 9.51
CA LYS A 81 -10.75 6.49 10.09
C LYS A 81 -11.54 7.30 9.07
N ILE A 82 -12.83 7.04 8.99
CA ILE A 82 -13.67 7.80 8.08
C ILE A 82 -14.22 8.95 8.89
N ASP A 83 -14.21 10.15 8.32
CA ASP A 83 -14.74 11.31 9.00
C ASP A 83 -16.24 11.41 8.76
N LYS A 84 -16.64 11.71 7.54
CA LYS A 84 -18.05 11.84 7.19
C LYS A 84 -18.48 11.03 5.97
N LEU A 85 -19.78 10.73 5.94
CA LEU A 85 -20.41 10.02 4.85
C LEU A 85 -21.62 10.80 4.42
N CYS A 86 -21.76 11.04 3.12
CA CYS A 86 -22.95 11.70 2.59
C CYS A 86 -23.73 10.54 1.97
N VAL A 87 -24.94 10.30 2.45
CA VAL A 87 -25.72 9.20 1.95
C VAL A 87 -27.14 9.56 1.53
N TRP A 88 -27.68 8.77 0.61
CA TRP A 88 -29.07 8.92 0.19
C TRP A 88 -29.84 8.09 1.22
N ASN A 89 -30.79 8.71 1.93
CA ASN A 89 -31.54 7.98 2.95
C ASN A 89 -32.87 7.36 2.47
N ASN A 90 -33.08 7.35 1.17
CA ASN A 90 -34.28 6.73 0.61
C ASN A 90 -33.96 5.30 0.13
N LYS A 91 -32.91 4.72 0.71
CA LYS A 91 -32.47 3.37 0.37
C LYS A 91 -32.12 2.73 1.68
N THR A 92 -32.38 1.43 1.80
CA THR A 92 -32.04 0.67 3.00
C THR A 92 -31.19 -0.53 2.55
N PRO A 93 -29.92 -0.58 2.97
CA PRO A 93 -29.22 0.38 3.83
C PRO A 93 -29.02 1.72 3.09
N ASN A 94 -28.73 2.78 3.83
CA ASN A 94 -28.50 4.08 3.22
C ASN A 94 -27.37 3.93 2.19
N SER A 95 -27.54 4.57 1.05
CA SER A 95 -26.62 4.51 -0.06
C SER A 95 -25.54 5.61 -0.02
N ILE A 96 -24.26 5.22 -0.09
CA ILE A 96 -23.12 6.17 -0.04
C ILE A 96 -22.99 7.02 -1.31
N ALA A 97 -22.98 8.34 -1.13
CA ALA A 97 -22.84 9.29 -2.22
C ALA A 97 -21.42 9.86 -2.17
N ALA A 98 -20.88 10.05 -0.97
CA ALA A 98 -19.55 10.61 -0.84
C ALA A 98 -18.99 10.20 0.48
N ILE A 99 -17.68 10.32 0.62
CA ILE A 99 -17.02 9.96 1.84
C ILE A 99 -15.87 10.95 2.05
N SER A 100 -15.47 11.17 3.29
CA SER A 100 -14.36 12.07 3.57
C SER A 100 -13.58 11.49 4.72
N MET A 101 -12.29 11.76 4.72
CA MET A 101 -11.40 11.26 5.76
C MET A 101 -10.42 12.39 6.04
N LYS A 102 -9.96 12.52 7.28
CA LYS A 102 -9.00 13.55 7.64
C LYS A 102 -7.89 13.01 8.57
N ASN A 103 -6.68 13.51 8.37
CA ASN A 103 -5.52 13.07 9.13
C ASN A 103 -5.01 13.98 10.23
N ALA B 1 10.11 16.83 -24.26
CA ALA B 1 9.11 17.03 -23.16
C ALA B 1 9.73 17.75 -21.94
N PRO B 2 8.88 18.30 -21.04
CA PRO B 2 9.39 18.98 -19.86
C PRO B 2 10.24 18.05 -19.02
N GLN B 3 11.02 18.63 -18.12
CA GLN B 3 11.88 17.87 -17.25
C GLN B 3 11.43 18.06 -15.83
N THR B 4 10.67 19.12 -15.56
CA THR B 4 10.16 19.40 -14.21
C THR B 4 8.69 19.82 -14.24
N ILE B 5 8.02 19.78 -13.08
CA ILE B 5 6.60 20.19 -12.99
C ILE B 5 6.45 21.68 -13.29
N THR B 6 7.44 22.48 -12.89
CA THR B 6 7.42 23.94 -13.14
C THR B 6 7.48 24.20 -14.66
N GLU B 7 8.36 23.49 -15.32
CA GLU B 7 8.53 23.63 -16.76
C GLU B 7 7.26 23.18 -17.48
N LEU B 8 6.66 22.10 -17.01
CA LEU B 8 5.44 21.57 -17.61
C LEU B 8 4.27 22.56 -17.35
N CYS B 9 4.24 23.13 -16.15
CA CYS B 9 3.19 24.07 -15.75
C CYS B 9 3.11 25.34 -16.61
N SER B 10 4.27 25.93 -16.87
CA SER B 10 4.36 27.16 -17.65
C SER B 10 3.95 27.01 -19.14
N GLU B 11 3.69 25.78 -19.57
CA GLU B 11 3.28 25.57 -20.95
C GLU B 11 1.78 25.78 -21.14
N TYR B 12 1.06 26.05 -20.06
CA TYR B 12 -0.38 26.24 -20.14
C TYR B 12 -0.81 27.61 -19.65
N ARG B 13 -1.99 28.05 -20.08
CA ARG B 13 -2.51 29.34 -19.67
C ARG B 13 -3.31 29.12 -18.40
N ASN B 14 -3.34 30.13 -17.55
CA ASN B 14 -4.12 30.07 -16.31
C ASN B 14 -3.67 29.03 -15.29
N THR B 15 -2.36 28.80 -15.22
CA THR B 15 -1.83 27.83 -14.27
C THR B 15 -0.92 28.54 -13.30
N GLN B 16 -0.49 27.82 -12.26
CA GLN B 16 0.44 28.35 -11.30
C GLN B 16 0.98 27.27 -10.38
N ILE B 17 2.21 27.46 -9.91
CA ILE B 17 2.83 26.51 -9.03
C ILE B 17 2.51 26.84 -7.59
N TYR B 18 2.19 25.82 -6.83
CA TYR B 18 1.95 25.99 -5.42
C TYR B 18 2.96 25.06 -4.79
N THR B 19 3.76 25.58 -3.87
CA THR B 19 4.75 24.78 -3.17
C THR B 19 4.09 24.41 -1.84
N ILE B 20 3.66 23.16 -1.75
CA ILE B 20 2.99 22.65 -0.55
C ILE B 20 3.96 22.07 0.47
N ASN B 21 4.75 21.09 0.04
CA ASN B 21 5.69 20.41 0.91
C ASN B 21 4.98 19.96 2.20
N ASP B 22 3.89 19.24 2.03
CA ASP B 22 3.10 18.79 3.16
C ASP B 22 2.20 17.62 2.74
N LYS B 23 1.80 16.82 3.70
CA LYS B 23 0.91 15.68 3.46
C LYS B 23 -0.49 16.25 3.27
N ILE B 24 -1.39 15.45 2.69
CA ILE B 24 -2.78 15.87 2.47
C ILE B 24 -3.50 15.83 3.82
N LEU B 25 -4.26 16.88 4.14
CA LEU B 25 -4.98 16.93 5.41
C LEU B 25 -6.27 16.13 5.32
N SER B 26 -7.07 16.40 4.31
CA SER B 26 -8.32 15.69 4.15
C SER B 26 -8.53 15.26 2.72
N TYR B 27 -9.26 14.17 2.54
CA TYR B 27 -9.53 13.63 1.24
C TYR B 27 -11.02 13.42 1.14
N THR B 28 -11.62 13.89 0.04
CA THR B 28 -13.07 13.77 -0.20
C THR B 28 -13.31 13.22 -1.59
N GLU B 29 -14.15 12.18 -1.65
CA GLU B 29 -14.46 11.50 -2.89
C GLU B 29 -15.96 11.39 -3.08
N SER B 30 -16.44 11.81 -4.24
CA SER B 30 -17.85 11.76 -4.49
C SER B 30 -18.19 10.99 -5.74
N MET B 31 -19.23 10.15 -5.65
CA MET B 31 -19.69 9.40 -6.80
C MET B 31 -21.06 9.92 -7.23
N ALA B 32 -21.49 11.03 -6.61
CA ALA B 32 -22.79 11.65 -6.91
C ALA B 32 -22.84 12.18 -8.33
N GLY B 33 -23.98 12.00 -8.99
CA GLY B 33 -24.16 12.43 -10.36
C GLY B 33 -23.73 13.84 -10.65
N LYS B 34 -22.94 14.01 -11.72
CA LYS B 34 -22.40 15.31 -12.14
C LYS B 34 -21.40 15.91 -11.13
N ARG B 35 -21.05 15.17 -10.09
CA ARG B 35 -20.08 15.63 -9.10
C ARG B 35 -19.14 14.48 -8.77
N GLU B 36 -18.73 13.75 -9.80
CA GLU B 36 -17.80 12.62 -9.63
C GLU B 36 -16.43 13.28 -9.57
N MET B 37 -15.91 13.47 -8.37
CA MET B 37 -14.66 14.19 -8.23
C MET B 37 -14.01 13.94 -6.88
N VAL B 38 -12.79 14.45 -6.73
CA VAL B 38 -12.08 14.34 -5.48
C VAL B 38 -11.70 15.77 -5.08
N ILE B 39 -11.63 16.01 -3.78
CA ILE B 39 -11.28 17.30 -3.22
C ILE B 39 -10.28 17.04 -2.12
N ILE B 40 -9.17 17.77 -2.13
CA ILE B 40 -8.17 17.63 -1.10
C ILE B 40 -7.90 18.98 -0.44
N THR B 41 -7.47 18.97 0.81
CA THR B 41 -7.16 20.21 1.50
C THR B 41 -5.88 20.01 2.29
N PHE B 42 -5.19 21.11 2.61
CA PHE B 42 -3.95 21.06 3.37
C PHE B 42 -4.11 21.86 4.62
N LYS B 43 -3.23 21.61 5.58
CA LYS B 43 -3.22 22.29 6.87
C LYS B 43 -3.13 23.81 6.65
N SER B 44 -2.51 24.21 5.55
CA SER B 44 -2.36 25.61 5.19
C SER B 44 -3.71 26.32 4.93
N GLY B 45 -4.72 25.54 4.57
CA GLY B 45 -6.04 26.09 4.28
C GLY B 45 -6.37 26.05 2.79
N GLU B 46 -5.44 25.55 1.99
CA GLU B 46 -5.68 25.46 0.55
C GLU B 46 -6.52 24.23 0.21
N THR B 47 -7.45 24.40 -0.73
CA THR B 47 -8.34 23.34 -1.16
C THR B 47 -8.16 23.15 -2.64
N PHE B 48 -8.12 21.90 -3.10
CA PHE B 48 -7.92 21.62 -4.52
C PHE B 48 -8.88 20.53 -4.97
N GLN B 49 -9.19 20.48 -6.26
CA GLN B 49 -10.09 19.46 -6.79
C GLN B 49 -9.52 18.84 -8.04
N VAL B 50 -9.93 17.62 -8.33
CA VAL B 50 -9.58 17.01 -9.59
C VAL B 50 -10.97 17.23 -10.19
N GLU B 51 -11.08 18.01 -11.25
CA GLU B 51 -12.37 18.28 -11.82
C GLU B 51 -13.13 17.09 -12.35
N VAL B 52 -14.43 17.30 -12.48
CA VAL B 52 -15.33 16.30 -13.04
C VAL B 52 -14.99 16.27 -14.53
N PRO B 53 -14.88 15.08 -15.13
CA PRO B 53 -14.55 15.09 -16.55
C PRO B 53 -15.60 15.85 -17.37
N GLY B 54 -15.15 16.74 -18.24
CA GLY B 54 -16.07 17.50 -19.05
C GLY B 54 -15.57 17.77 -20.46
N SER B 55 -16.09 18.84 -21.05
CA SER B 55 -15.72 19.24 -22.41
C SER B 55 -14.39 19.99 -22.48
N GLN B 56 -13.86 20.36 -21.32
CA GLN B 56 -12.58 21.06 -21.27
C GLN B 56 -11.45 20.04 -21.29
N HIS B 57 -11.82 18.76 -21.33
CA HIS B 57 -10.84 17.69 -21.33
C HIS B 57 -10.85 16.95 -22.65
N ILE B 58 -9.69 16.88 -23.28
CA ILE B 58 -9.55 16.16 -24.54
C ILE B 58 -9.50 14.68 -24.17
N ASP B 59 -9.77 13.82 -25.14
CA ASP B 59 -9.80 12.38 -24.90
C ASP B 59 -8.65 11.78 -24.11
N SER B 60 -7.42 12.16 -24.43
CA SER B 60 -6.25 11.62 -23.75
C SER B 60 -6.20 11.94 -22.26
N GLN B 61 -6.87 13.02 -21.84
CA GLN B 61 -6.88 13.37 -20.43
C GLN B 61 -7.78 12.45 -19.59
N LYS B 62 -8.72 11.75 -20.24
CA LYS B 62 -9.66 10.87 -19.53
C LYS B 62 -9.00 9.80 -18.69
N LYS B 63 -8.04 9.08 -19.26
CA LYS B 63 -7.33 8.07 -18.50
C LYS B 63 -6.41 8.73 -17.43
N ALA B 64 -6.01 9.98 -17.65
CA ALA B 64 -5.14 10.68 -16.69
C ALA B 64 -5.86 11.22 -15.46
N ILE B 65 -7.10 11.66 -15.64
CA ILE B 65 -7.92 12.15 -14.52
C ILE B 65 -8.07 10.97 -13.54
N GLU B 66 -8.35 9.77 -14.08
CA GLU B 66 -8.50 8.56 -13.27
C GLU B 66 -7.26 8.23 -12.50
N ARG B 67 -6.12 8.20 -13.18
CA ARG B 67 -4.84 7.91 -12.53
C ARG B 67 -4.56 8.91 -11.42
N MET B 68 -4.81 10.18 -11.69
CA MET B 68 -4.58 11.23 -10.69
C MET B 68 -5.34 10.94 -9.41
N LYS B 69 -6.61 10.55 -9.52
CA LYS B 69 -7.41 10.25 -8.33
C LYS B 69 -6.86 9.05 -7.56
N ASP B 70 -6.32 8.07 -8.30
CA ASP B 70 -5.72 6.91 -7.66
C ASP B 70 -4.49 7.36 -6.90
N THR B 71 -3.71 8.25 -7.50
CA THR B 71 -2.51 8.73 -6.83
C THR B 71 -2.81 9.52 -5.57
N LEU B 72 -3.76 10.45 -5.66
CA LEU B 72 -4.15 11.23 -4.49
C LEU B 72 -4.66 10.35 -3.35
N ARG B 73 -5.44 9.32 -3.67
CA ARG B 73 -5.96 8.45 -2.61
C ARG B 73 -4.84 7.72 -1.86
N ILE B 74 -3.90 7.12 -2.60
CA ILE B 74 -2.79 6.42 -1.95
C ILE B 74 -1.81 7.38 -1.27
N THR B 75 -1.63 8.58 -1.84
CA THR B 75 -0.74 9.58 -1.23
C THR B 75 -1.34 10.00 0.11
N TYR B 76 -2.66 10.18 0.14
CA TYR B 76 -3.35 10.54 1.39
C TYR B 76 -3.22 9.45 2.43
N LEU B 77 -3.52 8.22 2.05
CA LEU B 77 -3.47 7.10 2.99
C LEU B 77 -2.09 6.88 3.61
N THR B 78 -1.06 7.08 2.82
CA THR B 78 0.27 6.88 3.33
C THR B 78 0.90 8.12 3.97
N GLU B 79 0.21 9.26 3.94
CA GLU B 79 0.73 10.51 4.53
C GLU B 79 2.00 11.00 3.83
N THR B 80 2.12 10.67 2.56
CA THR B 80 3.25 11.06 1.75
C THR B 80 3.15 12.56 1.40
N LYS B 81 4.23 13.30 1.62
CA LYS B 81 4.27 14.73 1.33
C LYS B 81 4.24 15.10 -0.14
N ILE B 82 3.36 16.04 -0.48
CA ILE B 82 3.30 16.53 -1.84
C ILE B 82 4.28 17.70 -1.86
N ASP B 83 5.05 17.81 -2.93
CA ASP B 83 6.04 18.87 -3.02
C ASP B 83 5.39 20.08 -3.64
N LYS B 84 5.06 19.98 -4.93
CA LYS B 84 4.45 21.06 -5.67
C LYS B 84 3.22 20.60 -6.42
N LEU B 85 2.34 21.54 -6.69
CA LEU B 85 1.15 21.28 -7.45
C LEU B 85 1.12 22.33 -8.54
N CYS B 86 0.74 21.94 -9.73
CA CYS B 86 0.58 22.87 -10.82
C CYS B 86 -0.94 22.89 -10.94
N VAL B 87 -1.57 24.04 -10.72
CA VAL B 87 -3.03 24.12 -10.78
C VAL B 87 -3.55 25.19 -11.74
N TRP B 88 -4.76 25.00 -12.25
CA TRP B 88 -5.43 25.99 -13.10
C TRP B 88 -6.15 26.83 -12.05
N ASN B 89 -5.85 28.12 -12.01
CA ASN B 89 -6.42 29.02 -11.03
C ASN B 89 -7.70 29.71 -11.48
N ASN B 90 -8.22 29.26 -12.60
CA ASN B 90 -9.46 29.81 -13.17
C ASN B 90 -10.67 28.95 -12.76
N LYS B 91 -10.52 28.20 -11.68
CA LYS B 91 -11.56 27.31 -11.17
C LYS B 91 -11.59 27.49 -9.68
N THR B 92 -12.73 27.20 -9.06
CA THR B 92 -12.87 27.27 -7.62
C THR B 92 -13.49 25.96 -7.11
N PRO B 93 -12.73 25.13 -6.36
CA PRO B 93 -11.33 25.27 -5.93
C PRO B 93 -10.42 25.16 -7.13
N ASN B 94 -9.18 25.60 -7.00
CA ASN B 94 -8.24 25.50 -8.12
C ASN B 94 -8.19 24.03 -8.55
N SER B 95 -8.08 23.79 -9.85
CA SER B 95 -8.06 22.45 -10.40
C SER B 95 -6.63 21.91 -10.61
N ILE B 96 -6.38 20.66 -10.21
CA ILE B 96 -5.04 20.06 -10.31
C ILE B 96 -4.62 19.63 -11.71
N ALA B 97 -3.48 20.13 -12.19
CA ALA B 97 -2.99 19.74 -13.50
C ALA B 97 -1.84 18.74 -13.38
N ALA B 98 -1.02 18.89 -12.35
CA ALA B 98 0.11 18.00 -12.15
C ALA B 98 0.51 18.04 -10.71
N ILE B 99 1.21 17.00 -10.29
CA ILE B 99 1.63 16.89 -8.91
C ILE B 99 3.06 16.33 -8.90
N SER B 100 3.85 16.66 -7.88
CA SER B 100 5.19 16.13 -7.77
C SER B 100 5.45 15.77 -6.31
N MET B 101 6.28 14.76 -6.08
CA MET B 101 6.62 14.31 -4.75
C MET B 101 8.10 13.98 -4.74
N LYS B 102 8.73 14.15 -3.59
CA LYS B 102 10.15 13.90 -3.44
C LYS B 102 10.45 13.16 -2.15
N ASN B 103 11.51 12.34 -2.20
CA ASN B 103 12.04 11.54 -1.08
C ASN B 103 11.25 10.28 -0.74
N ALA C 1 12.10 -15.58 -26.54
CA ALA C 1 12.05 -14.12 -26.31
C ALA C 1 13.28 -13.76 -25.47
N PRO C 2 13.56 -12.46 -25.30
CA PRO C 2 14.73 -12.05 -24.51
C PRO C 2 14.70 -12.68 -23.13
N GLN C 3 15.86 -12.83 -22.48
CA GLN C 3 15.86 -13.41 -21.15
C GLN C 3 16.30 -12.43 -20.06
N THR C 4 16.81 -11.29 -20.49
CA THR C 4 17.28 -10.26 -19.59
C THR C 4 16.96 -8.89 -20.19
N ILE C 5 17.01 -7.85 -19.36
CA ILE C 5 16.75 -6.50 -19.82
C ILE C 5 17.80 -6.11 -20.84
N THR C 6 19.05 -6.52 -20.62
CA THR C 6 20.12 -6.17 -21.56
C THR C 6 19.86 -6.73 -22.95
N GLU C 7 19.51 -8.02 -23.03
CA GLU C 7 19.21 -8.65 -24.31
C GLU C 7 18.03 -7.96 -24.99
N LEU C 8 16.98 -7.71 -24.22
CA LEU C 8 15.80 -7.07 -24.76
C LEU C 8 16.12 -5.68 -25.28
N CYS C 9 16.92 -4.92 -24.54
CA CYS C 9 17.27 -3.55 -24.92
C CYS C 9 17.98 -3.49 -26.27
N SER C 10 18.90 -4.44 -26.45
CA SER C 10 19.69 -4.57 -27.65
C SER C 10 18.88 -4.79 -28.91
N GLU C 11 17.63 -5.18 -28.79
CA GLU C 11 16.84 -5.42 -29.98
C GLU C 11 16.29 -4.20 -30.63
N TYR C 12 16.48 -3.04 -30.01
CA TYR C 12 15.94 -1.79 -30.55
C TYR C 12 16.99 -0.79 -30.93
N ARG C 13 16.58 0.18 -31.72
CA ARG C 13 17.48 1.23 -32.14
C ARG C 13 17.29 2.39 -31.17
N ASN C 14 18.36 3.16 -30.99
CA ASN C 14 18.33 4.33 -30.13
C ASN C 14 18.06 4.03 -28.66
N THR C 15 18.51 2.86 -28.20
CA THR C 15 18.30 2.48 -26.83
C THR C 15 19.62 2.52 -26.11
N GLN C 16 19.57 2.41 -24.79
CA GLN C 16 20.77 2.44 -23.97
C GLN C 16 20.43 1.93 -22.60
N ILE C 17 21.33 1.16 -22.02
CA ILE C 17 21.13 0.63 -20.69
C ILE C 17 21.73 1.59 -19.68
N TYR C 18 20.99 1.81 -18.59
CA TYR C 18 21.43 2.66 -17.49
C TYR C 18 21.37 1.77 -16.28
N THR C 19 22.43 1.72 -15.51
CA THR C 19 22.41 0.93 -14.29
C THR C 19 22.19 1.96 -13.19
N ILE C 20 21.04 1.86 -12.54
CA ILE C 20 20.67 2.80 -11.50
C ILE C 20 21.04 2.33 -10.09
N ASN C 21 20.56 1.16 -9.70
CA ASN C 21 20.84 0.61 -8.38
C ASN C 21 20.52 1.65 -7.30
N ASP C 22 19.36 2.29 -7.41
CA ASP C 22 18.95 3.31 -6.45
C ASP C 22 17.45 3.46 -6.52
N LYS C 23 16.86 4.06 -5.49
CA LYS C 23 15.42 4.28 -5.44
C LYS C 23 15.14 5.58 -6.21
N ILE C 24 13.87 5.82 -6.54
CA ILE C 24 13.47 7.02 -7.26
C ILE C 24 13.49 8.17 -6.27
N LEU C 25 14.07 9.31 -6.64
CA LEU C 25 14.09 10.44 -5.73
C LEU C 25 12.78 11.23 -5.80
N SER C 26 12.33 11.55 -7.01
CA SER C 26 11.09 12.32 -7.14
C SER C 26 10.22 11.73 -8.22
N TYR C 27 8.92 11.96 -8.07
CA TYR C 27 7.93 11.43 -8.98
C TYR C 27 7.05 12.60 -9.35
N THR C 28 6.80 12.77 -10.64
CA THR C 28 5.95 13.85 -11.13
C THR C 28 4.93 13.25 -12.11
N GLU C 29 3.66 13.50 -11.84
CA GLU C 29 2.58 12.96 -12.66
C GLU C 29 1.76 14.10 -13.20
N SER C 30 1.43 14.04 -14.48
CA SER C 30 0.68 15.10 -15.11
C SER C 30 -0.54 14.64 -15.87
N MET C 31 -1.65 15.36 -15.70
CA MET C 31 -2.87 15.05 -16.42
C MET C 31 -3.21 16.16 -17.43
N ALA C 32 -2.31 17.15 -17.57
CA ALA C 32 -2.52 18.26 -18.50
C ALA C 32 -2.58 17.77 -19.95
N GLY C 33 -3.51 18.33 -20.73
CA GLY C 33 -3.70 17.92 -22.12
C GLY C 33 -2.42 17.90 -22.91
N LYS C 34 -2.19 16.79 -23.61
CA LYS C 34 -0.99 16.58 -24.43
C LYS C 34 0.26 16.32 -23.60
N ARG C 35 0.12 16.28 -22.29
CA ARG C 35 1.24 16.02 -21.39
C ARG C 35 0.84 15.01 -20.31
N GLU C 36 0.04 14.03 -20.68
CA GLU C 36 -0.40 13.00 -19.74
C GLU C 36 0.81 12.08 -19.65
N MET C 37 1.65 12.35 -18.67
CA MET C 37 2.90 11.63 -18.52
C MET C 37 3.44 11.61 -17.09
N VAL C 38 4.47 10.79 -16.89
CA VAL C 38 5.17 10.65 -15.62
C VAL C 38 6.67 10.92 -15.85
N ILE C 39 7.29 11.63 -14.92
CA ILE C 39 8.71 11.96 -14.99
C ILE C 39 9.26 11.53 -13.64
N ILE C 40 10.41 10.86 -13.67
CA ILE C 40 11.06 10.43 -12.44
C ILE C 40 12.51 10.88 -12.50
N THR C 41 13.10 11.14 -11.34
CA THR C 41 14.51 11.54 -11.28
C THR C 41 15.21 10.78 -10.17
N PHE C 42 16.53 10.63 -10.30
CA PHE C 42 17.33 9.92 -9.32
C PHE C 42 18.31 10.87 -8.70
N LYS C 43 18.86 10.47 -7.57
CA LYS C 43 19.83 11.27 -6.83
C LYS C 43 21.01 11.61 -7.74
N SER C 44 21.41 10.65 -8.57
CA SER C 44 22.54 10.82 -9.48
C SER C 44 22.35 11.94 -10.51
N GLY C 45 21.10 12.37 -10.70
CA GLY C 45 20.83 13.43 -11.64
C GLY C 45 20.04 13.03 -12.87
N GLU C 46 19.87 11.74 -13.12
CA GLU C 46 19.13 11.31 -14.31
C GLU C 46 17.66 11.57 -14.14
N THR C 47 17.02 11.92 -15.24
CA THR C 47 15.61 12.23 -15.29
C THR C 47 15.09 11.42 -16.45
N PHE C 48 14.01 10.68 -16.22
CA PHE C 48 13.45 9.88 -17.30
C PHE C 48 11.95 10.09 -17.34
N GLN C 49 11.36 9.87 -18.50
CA GLN C 49 9.94 10.03 -18.64
C GLN C 49 9.34 8.78 -19.24
N VAL C 50 8.05 8.55 -18.95
CA VAL C 50 7.31 7.49 -19.58
C VAL C 50 6.62 8.45 -20.54
N GLU C 51 6.74 8.26 -21.85
CA GLU C 51 6.12 9.25 -22.76
C GLU C 51 4.65 9.13 -23.10
N VAL C 52 4.10 10.26 -23.51
CA VAL C 52 2.70 10.39 -23.89
C VAL C 52 2.41 9.47 -25.09
N PRO C 53 1.34 8.64 -25.02
CA PRO C 53 0.97 7.73 -26.10
C PRO C 53 0.86 8.47 -27.42
N GLY C 54 1.39 7.90 -28.49
CA GLY C 54 1.32 8.60 -29.75
C GLY C 54 1.39 7.68 -30.93
N SER C 55 1.77 8.26 -32.06
CA SER C 55 1.89 7.55 -33.33
C SER C 55 3.08 6.59 -33.37
N GLN C 56 4.09 6.88 -32.55
CA GLN C 56 5.28 6.04 -32.47
C GLN C 56 5.02 4.83 -31.55
N HIS C 57 3.77 4.66 -31.14
CA HIS C 57 3.37 3.56 -30.25
C HIS C 57 2.36 2.64 -30.92
N ILE C 58 2.64 1.34 -30.89
CA ILE C 58 1.70 0.37 -31.45
C ILE C 58 0.61 0.13 -30.40
N ASP C 59 -0.54 -0.41 -30.84
CA ASP C 59 -1.68 -0.65 -29.94
C ASP C 59 -1.37 -1.47 -28.69
N SER C 60 -0.55 -2.50 -28.85
CA SER C 60 -0.15 -3.34 -27.73
C SER C 60 0.58 -2.54 -26.66
N GLN C 61 1.16 -1.40 -27.04
CA GLN C 61 1.87 -0.57 -26.09
C GLN C 61 1.00 0.36 -25.25
N LYS C 62 -0.24 0.58 -25.66
CA LYS C 62 -1.15 1.44 -24.93
C LYS C 62 -1.34 0.93 -23.51
N LYS C 63 -1.55 -0.37 -23.37
CA LYS C 63 -1.74 -0.94 -22.04
C LYS C 63 -0.42 -1.01 -21.30
N ALA C 64 0.64 -1.35 -22.03
CA ALA C 64 1.96 -1.45 -21.44
C ALA C 64 2.40 -0.13 -20.80
N ILE C 65 2.05 1.00 -21.44
CA ILE C 65 2.40 2.33 -20.92
C ILE C 65 1.72 2.60 -19.57
N GLU C 66 0.46 2.18 -19.45
CA GLU C 66 -0.30 2.37 -18.20
C GLU C 66 0.31 1.53 -17.10
N ARG C 67 0.74 0.32 -17.46
CA ARG C 67 1.37 -0.56 -16.49
C ARG C 67 2.66 0.03 -15.99
N MET C 68 3.48 0.56 -16.90
CA MET C 68 4.76 1.15 -16.50
C MET C 68 4.53 2.30 -15.50
N LYS C 69 3.52 3.13 -15.75
CA LYS C 69 3.21 4.22 -14.84
C LYS C 69 2.75 3.68 -13.48
N ASP C 70 2.00 2.57 -13.47
CA ASP C 70 1.57 1.97 -12.21
C ASP C 70 2.83 1.51 -11.48
N THR C 71 3.72 0.87 -12.21
CA THR C 71 4.97 0.39 -11.63
C THR C 71 5.82 1.50 -11.05
N LEU C 72 6.01 2.57 -11.80
CA LEU C 72 6.84 3.67 -11.30
C LEU C 72 6.26 4.30 -10.02
N ARG C 73 4.93 4.42 -9.94
CA ARG C 73 4.30 4.99 -8.75
C ARG C 73 4.49 4.11 -7.51
N ILE C 74 4.23 2.82 -7.66
CA ILE C 74 4.37 1.94 -6.52
C ILE C 74 5.83 1.76 -6.09
N THR C 75 6.77 1.72 -7.05
CA THR C 75 8.19 1.57 -6.69
C THR C 75 8.68 2.86 -6.04
N TYR C 76 8.12 3.99 -6.45
CA TYR C 76 8.49 5.22 -5.76
C TYR C 76 7.98 5.20 -4.32
N LEU C 77 6.70 4.87 -4.14
CA LEU C 77 6.12 4.88 -2.79
C LEU C 77 6.77 3.94 -1.83
N THR C 78 7.17 2.77 -2.33
CA THR C 78 7.80 1.79 -1.46
C THR C 78 9.31 1.94 -1.33
N GLU C 79 9.88 2.93 -2.04
CA GLU C 79 11.33 3.17 -1.98
C GLU C 79 12.14 1.94 -2.42
N THR C 80 11.62 1.23 -3.42
CA THR C 80 12.27 0.03 -3.92
C THR C 80 13.36 0.37 -4.92
N LYS C 81 14.54 -0.25 -4.79
CA LYS C 81 15.64 0.01 -5.70
C LYS C 81 15.39 -0.47 -7.11
N ILE C 82 15.72 0.38 -8.07
CA ILE C 82 15.63 0.04 -9.47
C ILE C 82 17.06 -0.40 -9.81
N ASP C 83 17.17 -1.56 -10.43
CA ASP C 83 18.47 -2.09 -10.83
C ASP C 83 18.90 -1.41 -12.14
N LYS C 84 18.23 -1.73 -13.24
CA LYS C 84 18.54 -1.17 -14.55
C LYS C 84 17.34 -0.64 -15.29
N LEU C 85 17.62 0.26 -16.23
CA LEU C 85 16.60 0.83 -17.09
C LEU C 85 17.10 0.76 -18.52
N CYS C 86 16.20 0.42 -19.44
CA CYS C 86 16.52 0.42 -20.85
C CYS C 86 15.71 1.63 -21.32
N VAL C 87 16.38 2.61 -21.90
CA VAL C 87 15.70 3.82 -22.33
C VAL C 87 15.97 4.19 -23.78
N TRP C 88 15.06 4.92 -24.41
CA TRP C 88 15.31 5.41 -25.76
C TRP C 88 16.03 6.72 -25.48
N ASN C 89 17.25 6.87 -26.00
CA ASN C 89 18.00 8.10 -25.78
C ASN C 89 17.83 9.16 -26.87
N ASN C 90 16.86 8.95 -27.75
CA ASN C 90 16.60 9.93 -28.79
C ASN C 90 15.42 10.85 -28.38
N LYS C 91 15.16 10.92 -27.08
CA LYS C 91 14.10 11.76 -26.53
C LYS C 91 14.69 12.52 -25.35
N THR C 92 14.04 13.61 -24.98
CA THR C 92 14.50 14.42 -23.84
C THR C 92 13.29 14.77 -22.97
N PRO C 93 13.21 14.25 -21.73
CA PRO C 93 14.19 13.35 -21.09
C PRO C 93 14.13 11.96 -21.78
N ASN C 94 15.14 11.13 -21.55
CA ASN C 94 15.17 9.78 -22.12
C ASN C 94 13.89 9.02 -21.75
N SER C 95 13.37 8.26 -22.70
CA SER C 95 12.14 7.51 -22.56
C SER C 95 12.36 6.11 -22.04
N ILE C 96 11.57 5.69 -21.06
CA ILE C 96 11.70 4.36 -20.49
C ILE C 96 11.07 3.29 -21.38
N ALA C 97 11.84 2.23 -21.64
CA ALA C 97 11.40 1.09 -22.46
C ALA C 97 11.20 -0.17 -21.62
N ALA C 98 12.04 -0.34 -20.60
CA ALA C 98 11.97 -1.49 -19.72
C ALA C 98 12.65 -1.12 -18.42
N ILE C 99 12.33 -1.87 -17.37
CA ILE C 99 12.88 -1.62 -16.05
C ILE C 99 13.09 -2.99 -15.39
N SER C 100 14.10 -3.11 -14.55
CA SER C 100 14.35 -4.34 -13.84
C SER C 100 14.68 -3.98 -12.42
N MET C 101 14.32 -4.85 -11.49
CA MET C 101 14.59 -4.65 -10.06
C MET C 101 15.06 -6.00 -9.55
N LYS C 102 15.97 -6.03 -8.59
CA LYS C 102 16.43 -7.30 -8.04
C LYS C 102 16.71 -7.07 -6.59
N ASN C 103 16.56 -8.09 -5.74
CA ASN C 103 16.86 -7.86 -4.33
C ASN C 103 17.84 -8.90 -3.79
N ALA D 1 -13.39 -26.20 -12.16
CA ALA D 1 -13.37 -27.53 -11.47
C ALA D 1 -12.04 -28.06 -10.92
N PRO D 2 -10.89 -27.75 -11.56
CA PRO D 2 -9.66 -28.30 -10.95
C PRO D 2 -9.55 -27.79 -9.52
N GLN D 3 -9.02 -28.62 -8.63
CA GLN D 3 -8.86 -28.23 -7.25
C GLN D 3 -7.45 -27.83 -6.91
N THR D 4 -6.47 -28.21 -7.72
CA THR D 4 -5.09 -27.84 -7.44
C THR D 4 -4.41 -27.44 -8.71
N ILE D 5 -3.26 -26.76 -8.58
CA ILE D 5 -2.51 -26.32 -9.74
C ILE D 5 -2.02 -27.53 -10.55
N THR D 6 -1.59 -28.58 -9.86
CA THR D 6 -1.10 -29.79 -10.53
C THR D 6 -2.21 -30.42 -11.40
N GLU D 7 -3.41 -30.50 -10.83
CA GLU D 7 -4.54 -31.07 -11.53
C GLU D 7 -4.87 -30.19 -12.72
N LEU D 8 -4.78 -28.88 -12.52
CA LEU D 8 -5.06 -27.94 -13.57
C LEU D 8 -3.99 -28.05 -14.67
N CYS D 9 -2.73 -28.19 -14.25
CA CYS D 9 -1.61 -28.28 -15.20
C CYS D 9 -1.69 -29.50 -16.14
N SER D 10 -2.08 -30.64 -15.59
CA SER D 10 -2.21 -31.89 -16.33
C SER D 10 -3.20 -31.85 -17.48
N GLU D 11 -4.06 -30.84 -17.51
CA GLU D 11 -5.08 -30.74 -18.56
C GLU D 11 -4.54 -30.17 -19.87
N TYR D 12 -3.30 -29.69 -19.84
CA TYR D 12 -2.72 -29.09 -21.02
C TYR D 12 -1.46 -29.83 -21.46
N ARG D 13 -1.18 -29.77 -22.76
CA ARG D 13 0.00 -30.39 -23.34
C ARG D 13 1.20 -29.46 -23.19
N ASN D 14 2.38 -30.05 -23.22
CA ASN D 14 3.61 -29.26 -23.13
C ASN D 14 3.72 -28.41 -21.87
N THR D 15 3.16 -28.87 -20.77
CA THR D 15 3.28 -28.13 -19.54
C THR D 15 4.09 -28.95 -18.57
N GLN D 16 4.56 -28.30 -17.51
CA GLN D 16 5.32 -28.94 -16.47
C GLN D 16 5.18 -28.09 -15.20
N ILE D 17 5.18 -28.75 -14.05
CA ILE D 17 5.09 -28.10 -12.75
C ILE D 17 6.49 -27.97 -12.23
N TYR D 18 6.85 -26.78 -11.74
CA TYR D 18 8.15 -26.53 -11.15
C TYR D 18 7.85 -26.19 -9.72
N THR D 19 8.50 -26.85 -8.78
CA THR D 19 8.30 -26.53 -7.38
C THR D 19 9.36 -25.48 -7.01
N ILE D 20 8.96 -24.21 -6.94
CA ILE D 20 9.88 -23.13 -6.62
C ILE D 20 10.13 -22.97 -5.11
N ASN D 21 9.10 -22.67 -4.34
CA ASN D 21 9.23 -22.52 -2.89
C ASN D 21 10.29 -21.48 -2.54
N ASP D 22 10.16 -20.31 -3.15
CA ASP D 22 11.11 -19.23 -2.92
C ASP D 22 10.54 -17.94 -3.47
N LYS D 23 11.10 -16.81 -3.03
CA LYS D 23 10.64 -15.51 -3.48
C LYS D 23 11.32 -15.22 -4.79
N ILE D 24 10.75 -14.31 -5.58
CA ILE D 24 11.31 -13.93 -6.85
C ILE D 24 12.57 -13.12 -6.57
N LEU D 25 13.61 -13.36 -7.35
CA LEU D 25 14.88 -12.65 -7.17
C LEU D 25 14.87 -11.33 -7.94
N SER D 26 14.46 -11.38 -9.20
CA SER D 26 14.43 -10.18 -10.05
C SER D 26 13.15 -10.12 -10.85
N TYR D 27 12.77 -8.89 -11.18
CA TYR D 27 11.56 -8.60 -11.92
C TYR D 27 11.91 -7.65 -13.07
N THR D 28 11.52 -8.02 -14.29
CA THR D 28 11.76 -7.19 -15.47
C THR D 28 10.44 -6.92 -16.19
N GLU D 29 10.20 -5.67 -16.54
CA GLU D 29 8.98 -5.30 -17.22
C GLU D 29 9.36 -4.43 -18.43
N SER D 30 8.75 -4.71 -19.58
CA SER D 30 9.03 -3.97 -20.79
C SER D 30 7.79 -3.49 -21.50
N MET D 31 7.84 -2.26 -22.00
CA MET D 31 6.74 -1.72 -22.77
C MET D 31 7.20 -1.48 -24.21
N ALA D 32 8.37 -2.03 -24.54
CA ALA D 32 8.91 -1.88 -25.87
C ALA D 32 8.02 -2.59 -26.87
N GLY D 33 7.79 -1.97 -28.03
CA GLY D 33 6.95 -2.54 -29.07
C GLY D 33 7.19 -4.01 -29.41
N LYS D 34 6.14 -4.81 -29.34
CA LYS D 34 6.21 -6.24 -29.63
C LYS D 34 6.96 -7.06 -28.58
N ARG D 35 7.30 -6.40 -27.46
CA ARG D 35 8.00 -7.05 -26.35
C ARG D 35 7.38 -6.64 -25.01
N GLU D 36 6.06 -6.51 -24.98
CA GLU D 36 5.32 -6.14 -23.77
C GLU D 36 5.23 -7.42 -22.96
N MET D 37 6.11 -7.58 -21.99
CA MET D 37 6.16 -8.81 -21.21
C MET D 37 6.83 -8.57 -19.87
N VAL D 38 6.79 -9.59 -19.04
CA VAL D 38 7.40 -9.59 -17.72
C VAL D 38 8.26 -10.84 -17.66
N ILE D 39 9.44 -10.70 -17.06
CA ILE D 39 10.39 -11.82 -16.90
C ILE D 39 10.78 -11.83 -15.43
N ILE D 40 10.76 -12.99 -14.81
CA ILE D 40 11.15 -13.11 -13.42
C ILE D 40 12.22 -14.21 -13.33
N THR D 41 13.08 -14.13 -12.32
CA THR D 41 14.10 -15.16 -12.16
C THR D 41 14.15 -15.52 -10.71
N PHE D 42 14.74 -16.68 -10.43
CA PHE D 42 14.92 -17.16 -9.08
C PHE D 42 16.38 -17.39 -8.82
N LYS D 43 16.71 -17.48 -7.55
CA LYS D 43 18.07 -17.71 -7.12
C LYS D 43 18.68 -18.99 -7.71
N SER D 44 17.84 -20.01 -7.89
CA SER D 44 18.28 -21.29 -8.43
C SER D 44 18.69 -21.24 -9.90
N GLY D 45 18.40 -20.14 -10.59
CA GLY D 45 18.78 -20.02 -12.00
C GLY D 45 17.62 -20.10 -12.98
N GLU D 46 16.44 -20.37 -12.46
CA GLU D 46 15.24 -20.50 -13.29
C GLU D 46 14.72 -19.13 -13.73
N THR D 47 14.36 -19.04 -15.01
CA THR D 47 13.87 -17.82 -15.61
C THR D 47 12.56 -18.11 -16.32
N PHE D 48 11.55 -17.28 -16.09
CA PHE D 48 10.25 -17.48 -16.72
C PHE D 48 9.71 -16.17 -17.27
N GLN D 49 8.79 -16.25 -18.23
CA GLN D 49 8.17 -15.07 -18.82
C GLN D 49 6.65 -15.14 -18.77
N VAL D 50 6.00 -14.02 -19.04
CA VAL D 50 4.55 -13.96 -19.19
C VAL D 50 4.63 -13.36 -20.59
N GLU D 51 4.15 -14.13 -21.54
CA GLU D 51 4.20 -13.78 -22.94
C GLU D 51 3.46 -12.57 -23.42
N VAL D 52 3.98 -12.03 -24.51
CA VAL D 52 3.38 -10.92 -25.19
C VAL D 52 2.04 -11.51 -25.69
N PRO D 53 0.91 -10.81 -25.47
CA PRO D 53 -0.37 -11.35 -25.93
C PRO D 53 -0.30 -11.63 -27.44
N GLY D 54 -0.79 -12.78 -27.88
CA GLY D 54 -0.73 -13.11 -29.29
C GLY D 54 -1.88 -13.98 -29.78
N SER D 55 -1.72 -14.55 -30.98
CA SER D 55 -2.78 -15.37 -31.58
C SER D 55 -3.01 -16.68 -30.85
N GLN D 56 -2.00 -17.14 -30.11
CA GLN D 56 -2.15 -18.36 -29.34
C GLN D 56 -3.09 -18.10 -28.18
N HIS D 57 -3.31 -16.82 -27.87
CA HIS D 57 -4.18 -16.42 -26.76
C HIS D 57 -5.59 -16.05 -27.20
N ILE D 58 -6.58 -16.60 -26.51
CA ILE D 58 -7.98 -16.32 -26.80
C ILE D 58 -8.45 -15.11 -26.04
N ASP D 59 -9.67 -14.68 -26.33
CA ASP D 59 -10.27 -13.51 -25.70
C ASP D 59 -10.23 -13.58 -24.19
N SER D 60 -10.74 -14.66 -23.62
CA SER D 60 -10.76 -14.83 -22.17
C SER D 60 -9.39 -14.74 -21.52
N GLN D 61 -8.34 -15.03 -22.30
CA GLN D 61 -6.99 -14.98 -21.77
C GLN D 61 -6.40 -13.58 -21.72
N LYS D 62 -6.90 -12.68 -22.56
CA LYS D 62 -6.38 -11.31 -22.60
C LYS D 62 -6.38 -10.67 -21.21
N LYS D 63 -7.51 -10.74 -20.52
CA LYS D 63 -7.59 -10.16 -19.19
C LYS D 63 -6.72 -10.92 -18.21
N ALA D 64 -6.75 -12.24 -18.31
CA ALA D 64 -5.97 -13.10 -17.43
C ALA D 64 -4.47 -12.84 -17.53
N ILE D 65 -3.97 -12.49 -18.72
CA ILE D 65 -2.54 -12.21 -18.88
C ILE D 65 -2.18 -10.94 -18.09
N GLU D 66 -3.04 -9.92 -18.15
CA GLU D 66 -2.80 -8.68 -17.40
C GLU D 66 -2.82 -8.93 -15.90
N ARG D 67 -3.72 -9.79 -15.44
CA ARG D 67 -3.78 -10.12 -14.01
C ARG D 67 -2.51 -10.81 -13.52
N MET D 68 -1.99 -11.75 -14.32
CA MET D 68 -0.77 -12.48 -13.93
C MET D 68 0.41 -11.50 -13.76
N LYS D 69 0.52 -10.54 -14.67
CA LYS D 69 1.59 -9.54 -14.60
C LYS D 69 1.44 -8.71 -13.35
N ASP D 70 0.19 -8.38 -12.99
CA ASP D 70 -0.08 -7.64 -11.76
C ASP D 70 0.34 -8.51 -10.59
N THR D 71 -0.03 -9.78 -10.63
CA THR D 71 0.33 -10.71 -9.56
C THR D 71 1.85 -10.85 -9.33
N LEU D 72 2.60 -10.96 -10.42
CA LEU D 72 4.06 -11.12 -10.32
C LEU D 72 4.74 -9.86 -9.73
N ARG D 73 4.25 -8.68 -10.09
CA ARG D 73 4.82 -7.44 -9.56
C ARG D 73 4.59 -7.34 -8.07
N ILE D 74 3.33 -7.49 -7.63
CA ILE D 74 3.06 -7.40 -6.21
C ILE D 74 3.74 -8.50 -5.39
N THR D 75 3.82 -9.70 -5.96
CA THR D 75 4.47 -10.83 -5.28
C THR D 75 5.94 -10.49 -5.07
N TYR D 76 6.57 -9.89 -6.08
CA TYR D 76 7.98 -9.49 -5.97
C TYR D 76 8.16 -8.46 -4.86
N LEU D 77 7.36 -7.40 -4.92
CA LEU D 77 7.46 -6.32 -3.95
C LEU D 77 7.26 -6.76 -2.50
N THR D 78 6.36 -7.72 -2.27
CA THR D 78 6.11 -8.17 -0.92
C THR D 78 7.00 -9.32 -0.48
N GLU D 79 7.91 -9.74 -1.36
CA GLU D 79 8.81 -10.85 -1.08
C GLU D 79 8.04 -12.13 -0.67
N THR D 80 6.89 -12.35 -1.28
CA THR D 80 6.06 -13.53 -0.98
C THR D 80 6.66 -14.78 -1.69
N LYS D 81 6.66 -15.91 -1.01
CA LYS D 81 7.21 -17.11 -1.60
C LYS D 81 6.23 -17.72 -2.58
N ILE D 82 6.77 -18.21 -3.69
CA ILE D 82 5.97 -18.88 -4.69
C ILE D 82 6.21 -20.36 -4.43
N ASP D 83 5.12 -21.11 -4.34
CA ASP D 83 5.21 -22.54 -4.10
C ASP D 83 5.49 -23.25 -5.42
N LYS D 84 4.55 -23.22 -6.35
CA LYS D 84 4.70 -23.87 -7.65
C LYS D 84 4.30 -23.04 -8.84
N LEU D 85 4.83 -23.44 -9.99
CA LEU D 85 4.51 -22.82 -11.26
C LEU D 85 4.16 -23.93 -12.24
N CYS D 86 3.18 -23.66 -13.09
CA CYS D 86 2.77 -24.59 -14.12
C CYS D 86 3.14 -23.77 -15.34
N VAL D 87 4.04 -24.29 -16.14
CA VAL D 87 4.51 -23.55 -17.30
C VAL D 87 4.50 -24.33 -18.60
N TRP D 88 4.43 -23.59 -19.71
CA TRP D 88 4.51 -24.17 -21.03
C TRP D 88 6.00 -24.24 -21.36
N ASN D 89 6.51 -25.45 -21.54
CA ASN D 89 7.92 -25.66 -21.82
C ASN D 89 8.33 -25.53 -23.27
N ASN D 90 7.37 -25.28 -24.15
CA ASN D 90 7.66 -25.13 -25.58
C ASN D 90 7.98 -23.68 -25.91
N LYS D 91 8.44 -22.93 -24.91
CA LYS D 91 8.80 -21.55 -25.11
C LYS D 91 10.04 -21.31 -24.27
N THR D 92 10.83 -20.34 -24.70
CA THR D 92 12.03 -19.98 -23.96
C THR D 92 12.09 -18.44 -23.76
N PRO D 93 12.07 -17.98 -22.49
CA PRO D 93 12.02 -18.84 -21.30
C PRO D 93 10.66 -19.51 -21.26
N ASN D 94 10.50 -20.46 -20.35
CA ASN D 94 9.24 -21.15 -20.22
C ASN D 94 8.15 -20.15 -19.83
N SER D 95 6.97 -20.32 -20.42
CA SER D 95 5.82 -19.45 -20.23
C SER D 95 4.90 -19.84 -19.06
N ILE D 96 4.59 -18.88 -18.20
CA ILE D 96 3.74 -19.14 -17.05
C ILE D 96 2.28 -19.36 -17.43
N ALA D 97 1.75 -20.51 -17.00
CA ALA D 97 0.36 -20.87 -17.24
C ALA D 97 -0.46 -20.68 -15.96
N ALA D 98 0.12 -20.99 -14.81
CA ALA D 98 -0.59 -20.83 -13.55
C ALA D 98 0.44 -20.70 -12.45
N ILE D 99 0.03 -20.11 -11.33
CA ILE D 99 0.92 -19.93 -10.19
C ILE D 99 0.22 -20.26 -8.87
N SER D 100 0.96 -20.77 -7.89
CA SER D 100 0.39 -21.04 -6.59
C SER D 100 1.36 -20.59 -5.51
N MET D 101 0.84 -20.24 -4.34
CA MET D 101 1.64 -19.76 -3.21
C MET D 101 0.95 -20.23 -1.93
N LYS D 102 1.70 -20.41 -0.84
CA LYS D 102 1.07 -20.82 0.40
C LYS D 102 1.68 -20.34 1.71
N ASN D 103 0.79 -20.11 2.70
CA ASN D 103 1.08 -19.70 4.08
C ASN D 103 1.04 -18.23 4.50
N ALA E 1 -32.44 -3.58 0.12
CA ALA E 1 -31.31 -4.51 -0.24
C ALA E 1 -30.81 -5.21 1.03
N PRO E 2 -30.08 -6.33 0.88
CA PRO E 2 -29.55 -7.06 2.04
C PRO E 2 -28.71 -6.17 2.92
N GLN E 3 -28.63 -6.51 4.20
CA GLN E 3 -27.80 -5.73 5.10
C GLN E 3 -26.61 -6.53 5.60
N THR E 4 -26.65 -7.86 5.42
CA THR E 4 -25.54 -8.73 5.84
C THR E 4 -25.29 -9.76 4.77
N ILE E 5 -24.20 -10.51 4.90
CA ILE E 5 -23.85 -11.56 3.93
C ILE E 5 -24.83 -12.72 3.98
N THR E 6 -25.29 -13.06 5.17
CA THR E 6 -26.26 -14.15 5.33
C THR E 6 -27.55 -13.82 4.58
N GLU E 7 -28.09 -12.62 4.81
CA GLU E 7 -29.32 -12.20 4.15
C GLU E 7 -29.17 -12.21 2.65
N LEU E 8 -27.99 -11.84 2.18
CA LEU E 8 -27.78 -11.81 0.75
C LEU E 8 -27.65 -13.23 0.23
N CYS E 9 -27.00 -14.08 1.01
CA CYS E 9 -26.80 -15.46 0.60
C CYS E 9 -28.14 -16.18 0.44
N SER E 10 -29.04 -15.95 1.38
CA SER E 10 -30.37 -16.57 1.37
C SER E 10 -31.25 -16.19 0.17
N GLU E 11 -30.84 -15.22 -0.62
CA GLU E 11 -31.68 -14.83 -1.75
C GLU E 11 -31.45 -15.71 -2.96
N TYR E 12 -30.51 -16.64 -2.84
CA TYR E 12 -30.19 -17.52 -3.96
C TYR E 12 -30.45 -18.96 -3.65
N ARG E 13 -30.56 -19.75 -4.70
CA ARG E 13 -30.78 -21.17 -4.55
C ARG E 13 -29.43 -21.79 -4.76
N ASN E 14 -29.17 -22.86 -4.02
CA ASN E 14 -27.91 -23.59 -4.14
C ASN E 14 -26.73 -22.87 -3.52
N THR E 15 -26.97 -22.18 -2.40
CA THR E 15 -25.91 -21.46 -1.70
C THR E 15 -25.83 -21.97 -0.30
N GLN E 16 -24.78 -21.54 0.38
CA GLN E 16 -24.55 -21.95 1.75
C GLN E 16 -23.49 -21.01 2.33
N ILE E 17 -23.54 -20.79 3.64
CA ILE E 17 -22.57 -19.93 4.30
C ILE E 17 -21.50 -20.77 4.99
N TYR E 18 -20.25 -20.41 4.76
CA TYR E 18 -19.11 -21.06 5.39
C TYR E 18 -18.54 -20.03 6.37
N THR E 19 -18.44 -20.37 7.64
CA THR E 19 -17.84 -19.46 8.60
C THR E 19 -16.38 -19.86 8.59
N ILE E 20 -15.52 -18.92 8.18
CA ILE E 20 -14.09 -19.19 8.07
C ILE E 20 -13.31 -18.69 9.27
N ASN E 21 -13.35 -17.39 9.51
CA ASN E 21 -12.63 -16.77 10.62
C ASN E 21 -11.17 -17.23 10.59
N ASP E 22 -10.53 -17.04 9.45
CA ASP E 22 -9.15 -17.48 9.29
C ASP E 22 -8.58 -16.88 8.02
N LYS E 23 -7.25 -16.81 7.92
CA LYS E 23 -6.57 -16.30 6.74
C LYS E 23 -6.52 -17.42 5.69
N ILE E 24 -6.32 -17.05 4.42
CA ILE E 24 -6.24 -18.00 3.30
C ILE E 24 -4.91 -18.76 3.36
N LEU E 25 -4.94 -20.07 3.17
CA LEU E 25 -3.72 -20.86 3.23
C LEU E 25 -2.93 -20.88 1.93
N SER E 26 -3.62 -21.09 0.81
CA SER E 26 -2.91 -21.12 -0.45
C SER E 26 -3.76 -20.41 -1.44
N TYR E 27 -3.12 -19.84 -2.45
CA TYR E 27 -3.79 -19.08 -3.47
C TYR E 27 -3.28 -19.62 -4.80
N THR E 28 -4.17 -19.89 -5.74
CA THR E 28 -3.78 -20.41 -7.04
C THR E 28 -4.47 -19.59 -8.12
N GLU E 29 -3.72 -19.14 -9.10
CA GLU E 29 -4.28 -18.31 -10.16
C GLU E 29 -3.83 -18.91 -11.48
N SER E 30 -4.72 -18.92 -12.46
CA SER E 30 -4.37 -19.52 -13.72
C SER E 30 -4.83 -18.67 -14.87
N MET E 31 -3.98 -18.55 -15.89
CA MET E 31 -4.32 -17.79 -17.09
C MET E 31 -4.38 -18.76 -18.27
N ALA E 32 -4.41 -20.06 -17.96
CA ALA E 32 -4.47 -21.14 -18.96
C ALA E 32 -5.82 -21.13 -19.70
N GLY E 33 -5.77 -21.41 -21.00
CA GLY E 33 -6.94 -21.41 -21.87
C GLY E 33 -8.14 -22.20 -21.35
N LYS E 34 -9.26 -21.51 -21.23
CA LYS E 34 -10.53 -22.06 -20.75
C LYS E 34 -10.62 -22.26 -19.24
N ARG E 35 -9.53 -22.01 -18.52
CA ARG E 35 -9.49 -22.16 -17.07
C ARG E 35 -8.89 -20.94 -16.35
N GLU E 36 -9.32 -19.75 -16.75
CA GLU E 36 -8.84 -18.49 -16.17
C GLU E 36 -9.66 -18.29 -14.90
N MET E 37 -9.14 -18.77 -13.78
CA MET E 37 -9.84 -18.73 -12.51
C MET E 37 -8.87 -18.60 -11.35
N VAL E 38 -9.42 -18.57 -10.14
CA VAL E 38 -8.62 -18.50 -8.93
C VAL E 38 -9.15 -19.55 -7.96
N ILE E 39 -8.25 -20.18 -7.22
CA ILE E 39 -8.61 -21.19 -6.26
C ILE E 39 -7.93 -20.85 -4.95
N ILE E 40 -8.67 -20.84 -3.84
CA ILE E 40 -8.11 -20.57 -2.53
C ILE E 40 -8.38 -21.77 -1.62
N THR E 41 -7.56 -21.92 -0.61
CA THR E 41 -7.64 -23.03 0.30
C THR E 41 -7.39 -22.51 1.70
N PHE E 42 -7.86 -23.26 2.69
CA PHE E 42 -7.72 -22.91 4.11
C PHE E 42 -7.13 -24.06 4.88
N LYS E 43 -6.70 -23.80 6.10
CA LYS E 43 -6.11 -24.80 6.98
C LYS E 43 -7.08 -25.97 7.13
N SER E 44 -8.37 -25.66 7.18
CA SER E 44 -9.44 -26.65 7.33
C SER E 44 -9.53 -27.64 6.16
N GLY E 45 -8.86 -27.33 5.06
CA GLY E 45 -8.86 -28.16 3.88
C GLY E 45 -9.90 -27.68 2.89
N GLU E 46 -10.78 -26.78 3.32
CA GLU E 46 -11.81 -26.29 2.41
C GLU E 46 -11.20 -25.54 1.23
N THR E 47 -11.75 -25.78 0.06
CA THR E 47 -11.26 -25.24 -1.17
C THR E 47 -12.39 -24.52 -1.91
N PHE E 48 -12.11 -23.33 -2.41
CA PHE E 48 -13.12 -22.57 -3.14
C PHE E 48 -12.55 -22.00 -4.43
N GLN E 49 -13.40 -21.70 -5.38
CA GLN E 49 -12.95 -21.16 -6.64
C GLN E 49 -13.76 -19.94 -6.98
N VAL E 50 -13.19 -19.11 -7.86
CA VAL E 50 -13.91 -17.97 -8.41
C VAL E 50 -14.00 -18.52 -9.83
N GLU E 51 -15.22 -18.85 -10.25
CA GLU E 51 -15.44 -19.46 -11.56
C GLU E 51 -14.95 -18.70 -12.76
N VAL E 52 -14.73 -19.42 -13.86
CA VAL E 52 -14.32 -18.80 -15.12
C VAL E 52 -15.59 -18.09 -15.61
N PRO E 53 -15.47 -16.85 -16.08
CA PRO E 53 -16.66 -16.14 -16.55
C PRO E 53 -17.36 -16.92 -17.66
N GLY E 54 -18.68 -17.02 -17.60
CA GLY E 54 -19.38 -17.77 -18.62
C GLY E 54 -20.83 -17.38 -18.85
N SER E 55 -21.55 -18.25 -19.57
CA SER E 55 -22.97 -18.06 -19.89
C SER E 55 -23.85 -17.94 -18.63
N GLN E 56 -23.41 -18.62 -17.57
CA GLN E 56 -24.09 -18.60 -16.28
C GLN E 56 -23.97 -17.22 -15.64
N HIS E 57 -23.18 -16.34 -16.27
CA HIS E 57 -22.96 -14.99 -15.76
C HIS E 57 -23.58 -13.93 -16.63
N ILE E 58 -24.30 -13.02 -15.99
CA ILE E 58 -24.91 -11.92 -16.72
C ILE E 58 -23.80 -10.86 -16.79
N ASP E 59 -23.86 -10.01 -17.80
CA ASP E 59 -22.86 -8.97 -18.04
C ASP E 59 -22.46 -8.09 -16.84
N SER E 60 -23.40 -7.89 -15.91
CA SER E 60 -23.13 -7.08 -14.72
C SER E 60 -22.16 -7.80 -13.77
N GLN E 61 -22.21 -9.12 -13.78
CA GLN E 61 -21.35 -9.93 -12.92
C GLN E 61 -19.88 -9.94 -13.34
N LYS E 62 -19.62 -9.79 -14.64
CA LYS E 62 -18.27 -9.81 -15.19
C LYS E 62 -17.29 -8.90 -14.45
N LYS E 63 -17.68 -7.67 -14.18
CA LYS E 63 -16.80 -6.74 -13.44
C LYS E 63 -16.67 -7.18 -11.99
N ALA E 64 -17.73 -7.68 -11.39
CA ALA E 64 -17.68 -8.14 -9.99
C ALA E 64 -16.77 -9.38 -9.81
N ILE E 65 -16.69 -10.23 -10.83
CA ILE E 65 -15.81 -11.41 -10.80
C ILE E 65 -14.35 -10.94 -10.71
N GLU E 66 -13.98 -9.95 -11.53
CA GLU E 66 -12.60 -9.42 -11.54
C GLU E 66 -12.27 -8.76 -10.22
N ARG E 67 -13.24 -8.08 -9.64
CA ARG E 67 -13.03 -7.45 -8.36
C ARG E 67 -12.80 -8.50 -7.31
N MET E 68 -13.63 -9.54 -7.29
CA MET E 68 -13.47 -10.61 -6.29
C MET E 68 -12.06 -11.20 -6.34
N LYS E 69 -11.57 -11.46 -7.53
CA LYS E 69 -10.23 -12.01 -7.68
C LYS E 69 -9.18 -11.02 -7.13
N ASP E 70 -9.36 -9.72 -7.37
CA ASP E 70 -8.42 -8.72 -6.82
C ASP E 70 -8.45 -8.78 -5.30
N THR E 71 -9.66 -8.80 -4.72
CA THR E 71 -9.81 -8.86 -3.28
C THR E 71 -9.14 -10.07 -2.64
N LEU E 72 -9.31 -11.23 -3.26
CA LEU E 72 -8.70 -12.46 -2.75
C LEU E 72 -7.18 -12.40 -2.82
N ARG E 73 -6.64 -11.84 -3.90
CA ARG E 73 -5.18 -11.75 -4.00
C ARG E 73 -4.66 -10.91 -2.84
N ILE E 74 -5.27 -9.74 -2.61
CA ILE E 74 -4.87 -8.83 -1.54
C ILE E 74 -4.97 -9.49 -0.18
N THR E 75 -6.12 -10.14 0.07
CA THR E 75 -6.38 -10.83 1.32
C THR E 75 -5.32 -11.91 1.55
N TYR E 76 -4.99 -12.67 0.50
CA TYR E 76 -3.97 -13.69 0.67
C TYR E 76 -2.61 -13.07 1.02
N LEU E 77 -2.15 -12.14 0.18
CA LEU E 77 -0.84 -11.50 0.41
C LEU E 77 -0.66 -10.81 1.76
N THR E 78 -1.74 -10.32 2.34
CA THR E 78 -1.64 -9.62 3.62
C THR E 78 -2.09 -10.48 4.82
N GLU E 79 -2.45 -11.73 4.57
CA GLU E 79 -2.89 -12.63 5.63
C GLU E 79 -4.03 -12.06 6.44
N THR E 80 -4.93 -11.42 5.74
CA THR E 80 -6.11 -10.81 6.33
C THR E 80 -7.14 -11.91 6.62
N LYS E 81 -7.74 -11.89 7.82
CA LYS E 81 -8.76 -12.88 8.19
C LYS E 81 -10.05 -12.68 7.41
N ILE E 82 -10.60 -13.78 6.93
CA ILE E 82 -11.87 -13.76 6.21
C ILE E 82 -12.87 -14.28 7.24
N ASP E 83 -14.00 -13.60 7.34
CA ASP E 83 -15.06 -13.96 8.29
C ASP E 83 -15.98 -15.06 7.74
N LYS E 84 -16.72 -14.76 6.68
CA LYS E 84 -17.63 -15.71 6.08
C LYS E 84 -17.57 -15.69 4.59
N LEU E 85 -18.05 -16.78 3.99
CA LEU E 85 -18.10 -16.92 2.55
C LEU E 85 -19.49 -17.43 2.18
N CYS E 86 -20.06 -16.86 1.13
CA CYS E 86 -21.35 -17.31 0.66
C CYS E 86 -20.99 -18.00 -0.65
N VAL E 87 -21.20 -19.30 -0.72
CA VAL E 87 -20.86 -20.07 -1.89
C VAL E 87 -22.02 -20.84 -2.49
N TRP E 88 -21.92 -21.08 -3.79
CA TRP E 88 -22.86 -21.91 -4.51
C TRP E 88 -22.24 -23.30 -4.31
N ASN E 89 -23.00 -24.21 -3.70
CA ASN E 89 -22.52 -25.56 -3.41
C ASN E 89 -22.77 -26.57 -4.53
N ASN E 90 -23.26 -26.09 -5.67
CA ASN E 90 -23.52 -26.99 -6.78
C ASN E 90 -22.39 -26.97 -7.81
N LYS E 91 -21.19 -26.64 -7.35
CA LYS E 91 -20.00 -26.57 -8.19
C LYS E 91 -18.89 -27.22 -7.39
N THR E 92 -17.87 -27.72 -8.09
CA THR E 92 -16.72 -28.35 -7.46
C THR E 92 -15.43 -27.76 -8.01
N PRO E 93 -14.67 -26.98 -7.21
CA PRO E 93 -14.91 -26.60 -5.81
C PRO E 93 -16.13 -25.68 -5.72
N ASN E 94 -16.63 -25.44 -4.51
CA ASN E 94 -17.78 -24.58 -4.30
C ASN E 94 -17.44 -23.19 -4.87
N SER E 95 -18.40 -22.56 -5.51
CA SER E 95 -18.16 -21.27 -6.15
C SER E 95 -18.40 -20.10 -5.21
N ILE E 96 -17.50 -19.11 -5.18
CA ILE E 96 -17.69 -17.96 -4.28
C ILE E 96 -18.66 -16.91 -4.84
N ALA E 97 -19.64 -16.53 -4.02
CA ALA E 97 -20.62 -15.53 -4.43
C ALA E 97 -20.42 -14.22 -3.66
N ALA E 98 -19.98 -14.30 -2.42
CA ALA E 98 -19.74 -13.13 -1.59
C ALA E 98 -18.80 -13.49 -0.48
N ILE E 99 -18.10 -12.48 0.03
CA ILE E 99 -17.12 -12.63 1.10
C ILE E 99 -17.32 -11.52 2.12
N SER E 100 -17.03 -11.79 3.38
CA SER E 100 -17.15 -10.76 4.40
C SER E 100 -15.93 -10.86 5.30
N MET E 101 -15.43 -9.72 5.79
CA MET E 101 -14.26 -9.68 6.66
C MET E 101 -14.62 -8.81 7.84
N LYS E 102 -14.01 -9.06 8.98
CA LYS E 102 -14.37 -8.28 10.16
C LYS E 102 -13.22 -7.88 11.10
N ASN E 103 -13.39 -6.65 11.64
CA ASN E 103 -12.53 -5.98 12.63
C ASN E 103 -11.49 -4.98 12.15
N ARG F 4 20.91 -5.98 15.06
CA ARG F 4 19.70 -6.33 15.86
C ARG F 4 19.80 -5.77 17.27
N LEU F 5 18.66 -5.30 17.81
CA LEU F 5 18.61 -4.77 19.16
C LEU F 5 17.70 -5.73 19.88
N TYR F 6 17.77 -5.79 21.21
CA TYR F 6 16.94 -6.74 21.96
C TYR F 6 16.20 -6.13 23.11
N ARG F 7 14.99 -6.61 23.39
CA ARG F 7 14.19 -6.09 24.50
C ARG F 7 13.32 -7.14 25.19
N ALA F 8 13.50 -7.27 26.51
CA ALA F 8 12.72 -8.21 27.32
C ALA F 8 11.40 -7.51 27.58
N ASP F 9 10.28 -8.20 27.46
CA ASP F 9 9.00 -7.56 27.67
C ASP F 9 7.94 -8.61 28.04
N SER F 10 7.09 -8.28 29.01
CA SER F 10 6.04 -9.19 29.42
C SER F 10 4.91 -9.28 28.39
N ARG F 11 4.71 -8.21 27.62
CA ARG F 11 3.67 -8.17 26.59
C ARG F 11 3.96 -9.17 25.49
N PRO F 12 3.04 -10.15 25.30
CA PRO F 12 3.10 -11.23 24.33
C PRO F 12 2.92 -10.79 22.88
N PRO F 13 3.48 -11.57 21.93
CA PRO F 13 3.47 -11.37 20.48
C PRO F 13 2.14 -10.98 19.83
N ASP F 14 1.05 -11.56 20.29
CA ASP F 14 -0.24 -11.24 19.69
C ASP F 14 -0.77 -9.90 20.20
N GLU F 15 -0.35 -9.47 21.39
CA GLU F 15 -0.77 -8.17 21.92
C GLU F 15 -0.03 -7.12 21.12
N ILE F 16 1.28 -7.37 20.97
CA ILE F 16 2.17 -6.51 20.21
C ILE F 16 1.60 -6.34 18.80
N LYS F 17 1.01 -7.40 18.27
CA LYS F 17 0.44 -7.33 16.94
C LYS F 17 -0.82 -6.46 16.97
N ARG F 18 -1.63 -6.62 18.01
CA ARG F 18 -2.85 -5.83 18.15
C ARG F 18 -2.56 -4.34 18.28
N SER F 19 -1.42 -4.00 18.89
CA SER F 19 -1.02 -2.61 19.08
C SER F 19 -0.24 -2.04 17.88
N GLY F 20 0.26 -2.92 17.01
CA GLY F 20 1.02 -2.50 15.85
C GLY F 20 2.49 -2.32 16.19
N GLY F 21 2.92 -2.81 17.34
CA GLY F 21 4.32 -2.68 17.73
C GLY F 21 4.49 -2.60 19.23
N LEU F 22 5.73 -2.35 19.66
CA LEU F 22 6.05 -2.22 21.10
C LEU F 22 5.87 -0.74 21.39
N MET F 23 4.77 -0.42 22.08
CA MET F 23 4.41 0.95 22.42
C MET F 23 4.96 1.51 23.71
N PRO F 24 5.11 2.85 23.78
CA PRO F 24 5.61 3.51 24.99
C PRO F 24 4.44 3.57 25.96
N ARG F 25 4.70 3.96 27.21
CA ARG F 25 3.67 4.01 28.23
C ARG F 25 2.51 4.91 27.86
N GLY F 26 1.32 4.33 27.75
CA GLY F 26 0.15 5.11 27.44
C GLY F 26 -0.26 5.22 25.99
N HIS F 27 0.47 4.57 25.08
CA HIS F 27 0.12 4.62 23.66
C HIS F 27 -0.48 3.27 23.31
N ASN F 28 -1.75 3.28 22.94
CA ASN F 28 -2.49 2.07 22.61
C ASN F 28 -2.06 1.42 21.29
N GLU F 29 -2.27 2.14 20.20
CA GLU F 29 -1.92 1.65 18.87
C GLU F 29 -0.78 2.53 18.37
N TYR F 30 0.05 2.00 17.48
CA TYR F 30 1.17 2.76 16.94
C TYR F 30 0.76 4.02 16.19
N PHE F 31 -0.25 3.93 15.33
CA PHE F 31 -0.66 5.09 14.55
C PHE F 31 -1.79 5.90 15.20
N ASP F 32 -1.86 5.89 16.52
CA ASP F 32 -2.92 6.61 17.20
C ASP F 32 -2.48 8.02 17.60
N ARG F 33 -2.80 8.98 16.75
CA ARG F 33 -2.49 10.39 17.02
C ARG F 33 -3.52 10.96 18.02
N GLY F 34 -4.45 10.10 18.43
CA GLY F 34 -5.53 10.46 19.33
C GLY F 34 -5.14 10.96 20.71
N THR F 35 -4.16 10.33 21.33
CA THR F 35 -3.74 10.74 22.67
C THR F 35 -2.42 11.45 22.45
N GLN F 36 -2.27 12.68 22.92
CA GLN F 36 -0.94 13.25 22.66
C GLN F 36 0.12 13.01 23.67
N MET F 37 1.00 12.11 23.22
CA MET F 37 2.15 11.63 23.93
C MET F 37 3.19 12.74 24.16
N ASN F 38 3.90 12.60 25.29
CA ASN F 38 4.95 13.51 25.66
C ASN F 38 6.23 12.78 25.22
N ILE F 39 6.90 13.29 24.20
CA ILE F 39 8.12 12.65 23.75
C ILE F 39 9.25 13.48 24.34
N CYS F 40 10.08 12.82 25.16
CA CYS F 40 11.19 13.48 25.81
C CYS F 40 12.27 12.49 26.22
N LEU F 41 13.36 12.48 25.44
CA LEU F 41 14.48 11.58 25.66
C LEU F 41 15.10 11.60 27.05
N TYR F 42 15.59 12.77 27.49
CA TYR F 42 16.21 12.88 28.80
C TYR F 42 15.30 12.38 29.92
N ASP F 43 14.03 12.77 29.91
CA ASP F 43 13.06 12.33 30.91
C ASP F 43 12.86 10.81 30.85
N HIS F 44 12.83 10.27 29.63
CA HIS F 44 12.68 8.84 29.41
C HIS F 44 13.91 8.11 29.94
N ALA F 45 15.09 8.65 29.69
CA ALA F 45 16.35 8.06 30.12
C ALA F 45 16.55 7.98 31.63
N ARG F 46 15.80 8.80 32.39
CA ARG F 46 15.93 8.82 33.84
C ARG F 46 14.91 7.97 34.59
N GLY F 47 13.67 7.90 34.09
CA GLY F 47 12.65 7.12 34.75
C GLY F 47 12.86 5.60 34.68
N THR F 48 12.24 4.87 35.61
CA THR F 48 12.33 3.40 35.66
C THR F 48 10.91 2.90 35.90
N GLN F 49 10.53 1.79 35.26
CA GLN F 49 9.19 1.27 35.44
C GLN F 49 9.10 -0.09 36.11
N THR F 50 7.97 -0.32 36.77
CA THR F 50 7.70 -1.56 37.47
C THR F 50 7.10 -2.59 36.51
N GLY F 51 7.84 -3.66 36.29
CA GLY F 51 7.36 -4.70 35.40
C GLY F 51 7.71 -4.40 33.95
N PHE F 52 8.42 -3.30 33.72
CA PHE F 52 8.80 -2.92 32.37
C PHE F 52 10.20 -2.32 32.30
N VAL F 53 10.88 -2.61 31.19
CA VAL F 53 12.19 -2.05 30.91
C VAL F 53 11.77 -0.66 30.38
N ARG F 54 12.55 0.36 30.70
CA ARG F 54 12.28 1.74 30.29
C ARG F 54 11.44 1.94 29.03
N TYR F 55 10.26 2.54 29.20
CA TYR F 55 9.38 2.80 28.08
C TYR F 55 8.42 3.99 28.25
N ASP F 56 8.75 4.93 29.12
CA ASP F 56 7.89 6.09 29.33
C ASP F 56 8.49 7.29 28.62
N ASP F 57 7.65 8.31 28.40
CA ASP F 57 8.07 9.54 27.73
C ASP F 57 8.30 9.34 26.24
N GLY F 58 7.36 8.64 25.63
CA GLY F 58 7.40 8.38 24.19
C GLY F 58 8.54 7.61 23.58
N TYR F 59 9.33 6.91 24.39
CA TYR F 59 10.47 6.13 23.88
C TYR F 59 10.45 4.72 24.47
N VAL F 60 10.73 3.71 23.64
CA VAL F 60 10.78 2.33 24.10
C VAL F 60 12.25 1.94 24.08
N SER F 61 12.78 1.54 25.23
CA SER F 61 14.19 1.18 25.36
C SER F 61 14.55 -0.21 24.84
N THR F 62 15.80 -0.39 24.41
CA THR F 62 16.30 -1.67 23.90
C THR F 62 17.79 -1.82 24.22
N SER F 63 18.24 -3.07 24.34
CA SER F 63 19.64 -3.41 24.62
C SER F 63 20.34 -3.80 23.33
N LEU F 64 21.67 -3.67 23.35
CA LEU F 64 22.51 -3.96 22.20
C LEU F 64 22.88 -5.43 22.07
N SER F 65 22.35 -6.25 22.97
CA SER F 65 22.64 -7.67 22.94
C SER F 65 21.57 -8.47 23.67
N LEU F 66 21.51 -9.77 23.34
CA LEU F 66 20.55 -10.66 23.97
C LEU F 66 20.82 -10.80 25.46
N ARG F 67 22.10 -10.94 25.81
CA ARG F 67 22.49 -11.08 27.20
C ARG F 67 22.07 -9.89 28.04
N SER F 68 22.42 -8.67 27.61
CA SER F 68 22.05 -7.46 28.34
C SER F 68 20.54 -7.37 28.48
N ALA F 69 19.84 -7.72 27.40
CA ALA F 69 18.39 -7.72 27.39
C ALA F 69 17.88 -8.76 28.40
N HIS F 70 18.59 -9.88 28.48
CA HIS F 70 18.24 -10.96 29.40
C HIS F 70 18.44 -10.50 30.83
N LEU F 71 19.60 -9.89 31.09
CA LEU F 71 19.95 -9.42 32.42
C LEU F 71 18.90 -8.45 32.96
N ALA F 72 18.52 -7.48 32.14
CA ALA F 72 17.50 -6.51 32.52
C ALA F 72 16.17 -7.19 32.78
N GLY F 73 15.83 -8.17 31.94
CA GLY F 73 14.59 -8.88 32.12
C GLY F 73 14.59 -9.61 33.45
N GLN F 74 15.66 -10.33 33.72
CA GLN F 74 15.75 -11.09 34.98
C GLN F 74 15.58 -10.22 36.19
N SER F 75 16.18 -9.05 36.16
CA SER F 75 16.10 -8.11 37.27
C SER F 75 14.71 -7.48 37.43
N ILE F 76 14.08 -7.06 36.33
CA ILE F 76 12.76 -6.43 36.36
C ILE F 76 11.58 -7.42 36.32
N LEU F 77 11.69 -8.40 35.45
CA LEU F 77 10.67 -9.43 35.26
C LEU F 77 11.02 -10.72 35.99
N SER F 78 11.74 -10.57 37.09
CA SER F 78 12.22 -11.66 37.95
C SER F 78 11.24 -12.78 38.27
N GLY F 79 9.97 -12.45 38.48
CA GLY F 79 8.98 -13.47 38.80
C GLY F 79 7.91 -13.58 37.74
N TYR F 80 8.28 -14.05 36.55
CA TYR F 80 7.34 -14.20 35.45
C TYR F 80 7.55 -15.55 34.78
N SER F 81 6.52 -16.39 34.85
CA SER F 81 6.57 -17.71 34.26
C SER F 81 7.01 -17.61 32.81
N THR F 82 6.49 -16.59 32.12
CA THR F 82 6.84 -16.36 30.73
C THR F 82 6.89 -14.89 30.37
N TYR F 83 7.86 -14.53 29.54
CA TYR F 83 8.04 -13.19 29.03
C TYR F 83 8.89 -13.38 27.78
N TYR F 84 8.92 -12.39 26.90
CA TYR F 84 9.67 -12.53 25.65
C TYR F 84 10.77 -11.51 25.49
N ILE F 85 11.71 -11.85 24.61
CA ILE F 85 12.78 -10.95 24.28
C ILE F 85 12.67 -10.78 22.78
N TYR F 86 12.26 -9.59 22.37
CA TYR F 86 12.07 -9.22 20.98
C TYR F 86 13.38 -8.85 20.32
N VAL F 87 13.55 -9.29 19.08
CA VAL F 87 14.75 -9.03 18.27
C VAL F 87 14.33 -7.96 17.24
N ILE F 88 14.93 -6.78 17.34
CA ILE F 88 14.57 -5.64 16.52
C ILE F 88 15.62 -5.15 15.54
N ALA F 89 15.17 -4.84 14.32
CA ALA F 89 16.07 -4.32 13.29
C ALA F 89 16.43 -2.86 13.60
N THR F 90 17.60 -2.42 13.16
CA THR F 90 18.04 -1.06 13.39
C THR F 90 17.40 -0.17 12.32
N ALA F 91 17.07 1.06 12.68
CA ALA F 91 16.45 1.99 11.75
C ALA F 91 16.52 3.37 12.41
N PRO F 92 16.38 4.45 11.62
CA PRO F 92 16.43 5.85 12.07
C PRO F 92 15.50 6.30 13.19
N ASN F 93 14.59 5.47 13.65
CA ASN F 93 13.74 5.87 14.76
C ASN F 93 14.47 5.55 16.07
N MET F 94 15.61 4.88 15.95
CA MET F 94 16.41 4.47 17.10
C MET F 94 17.52 5.46 17.37
N PHE F 95 17.68 5.79 18.65
CA PHE F 95 18.69 6.73 19.12
C PHE F 95 19.50 6.15 20.25
N ASN F 96 20.82 6.17 20.11
CA ASN F 96 21.68 5.68 21.19
C ASN F 96 21.65 6.72 22.30
N VAL F 97 21.00 6.37 23.41
CA VAL F 97 20.85 7.28 24.53
C VAL F 97 22.16 7.89 25.08
N ASN F 98 23.24 7.13 25.09
CA ASN F 98 24.52 7.65 25.59
C ASN F 98 25.12 8.71 24.67
N ASP F 99 24.93 8.55 23.37
CA ASP F 99 25.48 9.48 22.38
C ASP F 99 24.80 10.83 22.32
N VAL F 100 23.50 10.84 22.55
CA VAL F 100 22.72 12.07 22.51
C VAL F 100 22.81 12.87 23.79
N LEU F 101 22.68 12.18 24.93
CA LEU F 101 22.74 12.86 26.21
C LEU F 101 24.16 13.01 26.70
N GLY F 102 25.10 12.36 26.03
CA GLY F 102 26.51 12.45 26.39
C GLY F 102 26.82 12.20 27.85
N VAL F 103 27.74 13.01 28.38
CA VAL F 103 28.17 12.89 29.76
C VAL F 103 27.03 13.09 30.76
N TYR F 104 25.88 13.53 30.25
CA TYR F 104 24.72 13.73 31.11
C TYR F 104 23.78 12.53 31.04
N SER F 105 24.26 11.44 30.45
CA SER F 105 23.45 10.23 30.34
C SER F 105 23.28 9.69 31.74
N PRO F 106 22.01 9.62 32.22
CA PRO F 106 21.60 9.13 33.54
C PRO F 106 22.03 7.70 33.89
N HIS F 107 21.82 6.76 32.98
CA HIS F 107 22.18 5.37 33.23
C HIS F 107 23.17 4.93 32.18
N PRO F 108 24.41 5.45 32.28
CA PRO F 108 25.53 5.18 31.38
C PRO F 108 25.81 3.72 31.06
N TYR F 109 26.55 3.03 31.92
CA TYR F 109 26.96 1.64 31.73
C TYR F 109 26.03 0.67 30.97
N GLU F 110 24.72 0.82 31.14
CA GLU F 110 23.74 -0.05 30.46
C GLU F 110 23.77 -0.08 28.92
N GLN F 111 24.02 1.08 28.31
CA GLN F 111 24.07 1.20 26.84
C GLN F 111 22.74 0.95 26.13
N GLU F 112 21.76 1.83 26.36
CA GLU F 112 20.45 1.67 25.75
C GLU F 112 20.32 2.38 24.41
N VAL F 113 19.49 1.84 23.54
CA VAL F 113 19.22 2.45 22.23
C VAL F 113 17.69 2.55 22.23
N SER F 114 17.17 3.77 22.27
CA SER F 114 15.71 3.98 22.31
C SER F 114 15.02 4.34 21.00
N ALA F 115 13.82 3.80 20.81
CA ALA F 115 13.02 4.05 19.61
C ALA F 115 12.02 5.15 19.88
N LEU F 116 12.11 6.23 19.11
CA LEU F 116 11.21 7.38 19.28
C LEU F 116 9.84 7.01 18.76
N GLY F 117 8.88 6.98 19.68
CA GLY F 117 7.50 6.65 19.32
C GLY F 117 7.12 5.18 19.39
N GLY F 118 8.05 4.32 19.80
CA GLY F 118 7.76 2.91 19.87
C GLY F 118 8.42 2.19 18.71
N ILE F 119 8.13 0.90 18.57
CA ILE F 119 8.72 0.08 17.53
C ILE F 119 7.58 -0.59 16.75
N PRO F 120 7.42 -0.25 15.45
CA PRO F 120 6.38 -0.81 14.60
C PRO F 120 6.57 -2.32 14.50
N TYR F 121 5.45 -3.05 14.40
CA TYR F 121 5.47 -4.51 14.33
C TYR F 121 6.35 -5.01 13.18
N SER F 122 6.31 -4.31 12.05
CA SER F 122 7.08 -4.72 10.88
C SER F 122 8.60 -4.54 11.01
N GLN F 123 9.07 -4.00 12.13
CA GLN F 123 10.49 -3.79 12.36
C GLN F 123 11.02 -4.84 13.32
N ILE F 124 10.11 -5.66 13.87
CA ILE F 124 10.50 -6.72 14.80
C ILE F 124 10.76 -8.00 13.99
N TYR F 125 12.02 -8.43 14.03
CA TYR F 125 12.49 -9.61 13.35
C TYR F 125 11.85 -10.88 13.93
N GLY F 126 11.87 -10.97 15.24
CA GLY F 126 11.30 -12.14 15.89
C GLY F 126 11.39 -11.99 17.40
N TRP F 127 11.39 -13.13 18.09
CA TRP F 127 11.44 -13.16 19.53
C TRP F 127 11.75 -14.54 20.06
N TYR F 128 12.23 -14.57 21.28
CA TYR F 128 12.52 -15.81 21.96
C TYR F 128 11.58 -15.80 23.14
N ARG F 129 11.15 -16.98 23.57
CA ARG F 129 10.29 -17.08 24.72
C ARG F 129 11.22 -17.38 25.90
N VAL F 130 10.90 -16.85 27.06
CA VAL F 130 11.70 -17.06 28.25
C VAL F 130 10.79 -17.72 29.28
N ASN F 131 11.12 -18.95 29.66
CA ASN F 131 10.35 -19.75 30.61
C ASN F 131 11.06 -19.80 31.95
N PHE F 132 10.39 -19.31 33.00
CA PHE F 132 10.93 -19.27 34.36
C PHE F 132 12.32 -18.63 34.38
N GLY F 133 12.48 -17.55 33.60
CA GLY F 133 13.75 -16.85 33.54
C GLY F 133 14.82 -17.44 32.65
N VAL F 134 14.50 -18.60 32.05
CA VAL F 134 15.43 -19.31 31.17
C VAL F 134 14.97 -19.10 29.71
N ILE F 135 15.89 -18.68 28.86
CA ILE F 135 15.61 -18.41 27.45
C ILE F 135 15.43 -19.69 26.60
N ASP F 136 14.37 -19.71 25.79
CA ASP F 136 14.12 -20.82 24.88
C ASP F 136 14.80 -20.35 23.60
N GLU F 137 16.01 -20.87 23.36
CA GLU F 137 16.85 -20.54 22.21
C GLU F 137 16.24 -20.67 20.82
N ARG F 138 14.95 -20.98 20.74
CA ARG F 138 14.31 -21.09 19.45
C ARG F 138 13.79 -19.71 19.09
N LEU F 139 14.39 -19.12 18.06
CA LEU F 139 13.98 -17.80 17.61
C LEU F 139 12.74 -17.89 16.75
N HIS F 140 11.64 -17.34 17.20
CA HIS F 140 10.43 -17.38 16.40
C HIS F 140 10.50 -16.19 15.45
N ARG F 141 10.30 -16.45 14.17
CA ARG F 141 10.36 -15.42 13.17
C ARG F 141 9.03 -14.72 12.98
N ASN F 142 9.07 -13.39 12.89
CA ASN F 142 7.87 -12.59 12.65
C ASN F 142 7.66 -12.63 11.13
N ARG F 143 6.48 -13.03 10.68
CA ARG F 143 6.22 -13.10 9.24
C ARG F 143 6.03 -11.76 8.58
N GLU F 144 5.69 -10.75 9.36
CA GLU F 144 5.45 -9.43 8.80
C GLU F 144 6.65 -8.49 8.88
N TYR F 145 7.83 -9.04 9.10
CA TYR F 145 9.03 -8.23 9.17
C TYR F 145 9.34 -7.85 7.72
N ARG F 146 9.58 -6.56 7.46
CA ARG F 146 9.91 -6.10 6.10
C ARG F 146 11.41 -6.25 5.92
N ASP F 147 11.83 -7.40 5.38
CA ASP F 147 13.25 -7.66 5.20
C ASP F 147 13.94 -6.73 4.23
N ARG F 148 13.37 -6.54 3.06
CA ARG F 148 14.00 -5.68 2.07
C ARG F 148 14.18 -4.24 2.56
N TYR F 149 13.16 -3.72 3.23
CA TYR F 149 13.17 -2.36 3.73
C TYR F 149 14.16 -2.12 4.86
N TYR F 150 14.08 -2.93 5.90
CA TYR F 150 14.95 -2.78 7.07
C TYR F 150 16.37 -3.30 6.89
N ARG F 151 16.54 -4.18 5.90
CA ARG F 151 17.81 -4.81 5.56
C ARG F 151 19.03 -3.90 5.65
N ASN F 152 18.89 -2.71 5.10
CA ASN F 152 19.96 -1.75 5.00
C ASN F 152 19.96 -0.52 5.93
N LEU F 153 19.01 -0.45 6.86
CA LEU F 153 18.88 0.71 7.75
C LEU F 153 19.72 0.69 9.02
N ASN F 154 19.99 1.86 9.55
CA ASN F 154 20.78 1.97 10.74
C ASN F 154 20.15 2.87 11.78
N ILE F 155 20.74 2.85 12.97
CA ILE F 155 20.30 3.67 14.08
C ILE F 155 20.48 5.10 13.56
N ALA F 156 19.68 6.03 14.07
CA ALA F 156 19.81 7.41 13.66
C ALA F 156 21.07 7.95 14.30
N PRO F 157 21.95 8.59 13.50
CA PRO F 157 23.20 9.17 14.04
C PRO F 157 22.90 10.21 15.11
N ALA F 158 23.82 10.36 16.06
CA ALA F 158 23.65 11.30 17.18
C ALA F 158 23.33 12.78 16.84
N GLU F 159 23.87 13.27 15.71
CA GLU F 159 23.65 14.64 15.23
C GLU F 159 22.17 15.00 15.13
N ASP F 160 21.38 14.05 14.63
CA ASP F 160 19.94 14.23 14.44
C ASP F 160 19.15 14.14 15.73
N GLY F 161 19.78 13.63 16.78
CA GLY F 161 19.10 13.49 18.05
C GLY F 161 19.31 14.61 19.03
N TYR F 162 20.40 15.35 18.89
CA TYR F 162 20.71 16.46 19.80
C TYR F 162 19.56 17.44 20.03
N ARG F 163 18.89 17.84 18.95
CA ARG F 163 17.78 18.77 19.08
C ARG F 163 16.52 18.10 19.66
N LEU F 164 16.59 16.79 19.87
CA LEU F 164 15.47 16.02 20.44
C LEU F 164 15.84 15.56 21.85
N ALA F 165 17.07 15.90 22.27
CA ALA F 165 17.60 15.52 23.58
C ALA F 165 16.65 15.79 24.75
N CYS F 166 15.86 16.85 24.63
CA CYS F 166 14.90 17.20 25.65
C CYS F 166 15.45 17.52 27.04
N PHE F 167 16.64 18.13 27.08
CA PHE F 167 17.23 18.52 28.37
C PHE F 167 16.34 19.71 28.76
N PRO F 168 16.21 19.97 30.07
CA PRO F 168 15.37 21.12 30.47
C PRO F 168 16.02 22.42 29.93
N PRO F 169 15.21 23.49 29.73
CA PRO F 169 15.67 24.80 29.21
C PRO F 169 16.92 25.44 29.83
N ASP F 170 16.98 25.50 31.16
CA ASP F 170 18.12 26.09 31.85
C ASP F 170 19.21 25.07 32.16
N HIS F 171 19.10 23.89 31.55
CA HIS F 171 20.08 22.83 31.76
C HIS F 171 21.31 23.26 30.97
N GLN F 172 22.41 23.41 31.69
CA GLN F 172 23.68 23.82 31.11
C GLN F 172 24.04 23.19 29.76
N ALA F 173 23.57 21.97 29.49
CA ALA F 173 23.87 21.29 28.22
C ALA F 173 23.52 22.11 26.97
N TRP F 174 22.43 22.87 27.06
CA TRP F 174 21.99 23.71 25.94
C TRP F 174 22.97 24.86 25.73
N ARG F 175 23.74 25.14 26.76
CA ARG F 175 24.72 26.20 26.75
C ARG F 175 26.09 25.61 26.48
N GLU F 176 26.15 24.53 25.73
CA GLU F 176 27.43 23.91 25.42
C GLU F 176 27.45 22.96 24.22
N GLU F 177 28.66 22.71 23.72
CA GLU F 177 28.86 21.84 22.56
C GLU F 177 28.55 20.39 22.97
N PRO F 178 27.86 19.64 22.09
CA PRO F 178 27.37 20.13 20.79
C PRO F 178 25.89 20.52 20.76
N TRP F 179 25.19 20.38 21.88
CA TRP F 179 23.75 20.69 21.96
C TRP F 179 23.41 22.14 21.64
N ILE F 180 24.41 23.01 21.85
CA ILE F 180 24.26 24.43 21.61
C ILE F 180 23.85 24.73 20.17
N HIS F 181 24.47 24.04 19.22
CA HIS F 181 24.18 24.24 17.80
C HIS F 181 22.84 23.67 17.37
N HIS F 182 22.22 22.87 18.25
CA HIS F 182 20.94 22.20 17.97
C HIS F 182 19.81 22.53 18.94
N ALA F 183 20.04 23.43 19.89
CA ALA F 183 19.02 23.77 20.87
C ALA F 183 17.71 24.33 20.26
N PRO F 184 16.54 23.74 20.61
CA PRO F 184 15.24 24.21 20.10
C PRO F 184 14.99 25.69 20.46
N GLN F 185 14.04 26.33 19.77
CA GLN F 185 13.74 27.74 20.04
C GLN F 185 13.30 27.93 21.49
N GLY F 186 14.18 28.54 22.28
CA GLY F 186 13.86 28.81 23.67
C GLY F 186 14.63 28.01 24.70
N CYS F 187 15.59 27.19 24.27
CA CYS F 187 16.36 26.40 25.22
C CYS F 187 17.81 26.86 25.25
N GLY F 188 18.32 27.13 26.45
CA GLY F 188 19.70 27.56 26.60
C GLY F 188 20.14 28.75 25.76
N GLY F 196 11.65 29.92 27.50
CA GLY F 196 10.40 29.73 28.30
C GLY F 196 9.73 28.43 27.86
N ASP F 197 8.41 28.36 28.00
CA ASP F 197 7.65 27.16 27.62
C ASP F 197 7.83 26.90 26.12
N THR F 198 8.27 27.94 25.41
CA THR F 198 8.54 27.84 23.98
C THR F 198 9.47 26.63 23.76
N CYS F 199 10.50 26.52 24.60
CA CYS F 199 11.48 25.42 24.56
C CYS F 199 10.79 24.07 24.62
N ASN F 200 9.98 23.89 25.65
CA ASN F 200 9.24 22.65 25.84
C ASN F 200 8.35 22.35 24.66
N GLU F 201 7.47 23.30 24.32
CA GLU F 201 6.56 23.09 23.20
C GLU F 201 7.33 22.94 21.89
N GLU F 202 8.52 23.52 21.81
CA GLU F 202 9.35 23.41 20.62
C GLU F 202 9.98 22.01 20.52
N THR F 203 10.48 21.52 21.66
CA THR F 203 11.08 20.19 21.73
C THR F 203 10.02 19.14 21.40
N GLN F 204 8.84 19.29 22.00
CA GLN F 204 7.74 18.36 21.75
C GLN F 204 7.29 18.43 20.28
N ASN F 205 7.33 19.63 19.70
CA ASN F 205 6.93 19.81 18.31
C ASN F 205 7.90 19.15 17.34
N LEU F 206 9.20 19.24 17.62
CA LEU F 206 10.23 18.63 16.78
C LEU F 206 10.21 17.08 16.87
N SER F 207 10.08 16.56 18.08
CA SER F 207 10.02 15.12 18.30
C SER F 207 8.78 14.53 17.60
N THR F 208 7.65 15.22 17.69
CA THR F 208 6.41 14.76 17.04
C THR F 208 6.53 14.84 15.51
N ILE F 209 7.30 15.80 15.00
CA ILE F 209 7.49 15.93 13.55
C ILE F 209 8.30 14.73 13.08
N TYR F 210 9.41 14.49 13.77
CA TYR F 210 10.31 13.37 13.47
C TYR F 210 9.53 12.04 13.47
N LEU F 211 8.67 11.84 14.46
CA LEU F 211 7.86 10.64 14.55
C LEU F 211 6.86 10.55 13.40
N ARG F 212 6.09 11.62 13.16
CA ARG F 212 5.10 11.63 12.08
C ARG F 212 5.77 11.34 10.74
N GLU F 213 6.99 11.81 10.53
CA GLU F 213 7.67 11.53 9.28
C GLU F 213 8.07 10.05 9.20
N TYR F 214 8.56 9.49 10.30
CA TYR F 214 8.94 8.09 10.33
C TYR F 214 7.69 7.21 10.11
N GLN F 215 6.59 7.55 10.76
CA GLN F 215 5.36 6.81 10.61
C GLN F 215 4.89 6.78 9.16
N SER F 216 5.16 7.85 8.42
CA SER F 216 4.77 7.90 7.01
C SER F 216 5.61 6.89 6.23
N LYS F 217 6.89 6.77 6.54
CA LYS F 217 7.75 5.80 5.87
C LYS F 217 7.19 4.40 6.10
N VAL F 218 6.68 4.17 7.30
CA VAL F 218 6.09 2.88 7.67
C VAL F 218 4.76 2.62 6.92
N LYS F 219 3.88 3.62 6.83
CA LYS F 219 2.62 3.45 6.11
C LYS F 219 2.87 3.21 4.64
N ARG F 220 3.92 3.84 4.11
CA ARG F 220 4.30 3.68 2.70
C ARG F 220 4.66 2.21 2.44
N GLN F 221 5.23 1.56 3.44
CA GLN F 221 5.59 0.14 3.35
C GLN F 221 4.35 -0.73 3.52
N ILE F 222 3.74 -0.69 4.69
CA ILE F 222 2.58 -1.54 4.95
C ILE F 222 1.29 -1.30 4.16
N PHE F 223 0.95 -0.05 3.84
CA PHE F 223 -0.29 0.23 3.10
C PHE F 223 -0.21 -0.03 1.60
N SER F 224 0.99 0.02 1.04
CA SER F 224 1.17 -0.24 -0.38
C SER F 224 0.79 -1.67 -0.75
N ASP F 225 0.88 -2.58 0.22
CA ASP F 225 0.50 -3.99 0.01
C ASP F 225 -0.96 -4.13 -0.39
N TYR F 226 -1.76 -3.13 -0.03
CA TYR F 226 -3.19 -3.12 -0.32
C TYR F 226 -3.55 -2.37 -1.58
N GLN F 227 -2.59 -1.65 -2.17
CA GLN F 227 -2.88 -0.90 -3.39
C GLN F 227 -3.11 -1.88 -4.55
N SER F 228 -4.29 -1.80 -5.18
CA SER F 228 -4.65 -2.68 -6.30
C SER F 228 -4.77 -1.82 -7.54
N GLU F 229 -4.07 -2.21 -8.61
CA GLU F 229 -4.07 -1.42 -9.83
C GLU F 229 -5.31 -1.60 -10.68
N VAL F 230 -5.70 -0.51 -11.33
CA VAL F 230 -6.89 -0.45 -12.16
C VAL F 230 -6.57 -0.48 -13.65
N ASP F 231 -7.47 -1.07 -14.44
CA ASP F 231 -7.34 -1.09 -15.89
C ASP F 231 -8.16 0.15 -16.28
N ILE F 232 -7.48 1.27 -16.49
CA ILE F 232 -8.14 2.54 -16.81
C ILE F 232 -8.84 2.49 -18.14
N TYR F 233 -8.30 1.75 -19.10
CA TYR F 233 -8.90 1.63 -20.43
C TYR F 233 -10.20 0.84 -20.41
N ASN F 234 -10.35 -0.02 -19.43
CA ASN F 234 -11.58 -0.81 -19.29
C ASN F 234 -12.60 -0.03 -18.45
N ARG F 235 -12.10 0.70 -17.47
CA ARG F 235 -12.94 1.51 -16.61
C ARG F 235 -13.47 2.75 -17.35
N ILE F 236 -12.63 3.32 -18.21
CA ILE F 236 -12.96 4.51 -18.98
C ILE F 236 -13.37 4.18 -20.43
#